data_1Z1B
#
_entry.id   1Z1B
#
_cell.length_a   97.599
_cell.length_b   211.278
_cell.length_c   191.704
_cell.angle_alpha   90.00
_cell.angle_beta   90.00
_cell.angle_gamma   90.00
#
_symmetry.space_group_name_H-M   'C 2 2 21'
#
loop_
_entity.id
_entity.type
_entity.pdbx_description
1 polymer "5'-D(*CP*T*CP*GP*TP*TP*CP*AP*GP*CP*TP*TP*TP*TP*TP*T)-3'"
2 polymer "5'-D(*TP*TP*TP*AP*TP*AP*CP*TP*AP*AP*GP*TP*TP*GP*GP*CP*AP*T)-3'"
3 polymer '29-MER DNA'
4 polymer '26-MER DNA'
5 polymer '26-MER DNA'
6 polymer Integrase
#
loop_
_entity_poly.entity_id
_entity_poly.type
_entity_poly.pdbx_seq_one_letter_code
_entity_poly.pdbx_strand_id
1 'polydeoxyribonucleotide' (DC)(DG)(DT)(DT)(DC)(DA)(DG)(DC)(DT)(DT)(DT)(DT)(DT)(DT) C
2 'polydeoxyribonucleotide' (DT)(DT)(DT)(DA)(DT)(DA)(DC)(DT)(DA)(DA)(DG)(DT)(DT)(DG)(DG)(DC)(DA)(DT) D
3 'polydeoxyribonucleotide'
;(DA)(DT)(DG)(DC)(DC)(DA)(DA)(DC)(DT)(DT)(DA)(DG)(DT)(DA)(DT)(DA)(DA)(DA)(DA)(DA)
(DA)(DG)(DC)(DT)(DG)(DA)(DA)(DC)(DG)
;
E
4 'polydeoxyribonucleotide'
;(DA)(DC)(DA)(DG)(DG)(DT)(DC)(DA)(DC)(DT)(DA)(DT)(DC)(DA)(DG)(DT)(DC)(DA)(DA)(DA)
(DA)(DT)(DA)(DC)(DC)(DG)
;
F
5 'polydeoxyribonucleotide'
;(DC)(DG)(DG)(DT)(DA)(DT)(DT)(DT)(DT)(DG)(DA)(DC)(DT)(DG)(DA)(DT)(DA)(DG)(DT)(DG)
(DA)(DC)(DC)(DT)(DG)(DT)
;
G
6 'polypeptide(L)'
;MGRRRSHERRDLPPNLYIRNNGYYCYRDPRTGKEFGLGRDRRIAITEAIQANIELFSGHKHKPLTARINSDNSVTLHSWL
DRYEKILASRGIKQKTLINYMSKIKAIRRGLPDAPLEDITTKEIAAMLNGYIDEGKAASAKLIRSTLSDAFREAIAEGHI
TTNHVAATRAAKSKVRRSRLTADEYLKIYQAAESSPCWLRLAMELAVVTGQRVGDLCEMKWSDIVDGYLYVEQSKTGVKI
AIPTALHIDALGISMKETLDKCKEILGGETIIASTRREPLSSGTVSRYFMRARKASGLSFEGDPPTFHELRSLSARLYEK
QISDKFAQHLLGHKSDTMASQ(PTR)RDDRGREWDKIEIK
;
A,B
#
loop_
_chem_comp.id
_chem_comp.type
_chem_comp.name
_chem_comp.formula
DA DNA linking 2'-DEOXYADENOSINE-5'-MONOPHOSPHATE 'C10 H14 N5 O6 P'
DC DNA linking 2'-DEOXYCYTIDINE-5'-MONOPHOSPHATE 'C9 H14 N3 O7 P'
DG DNA linking 2'-DEOXYGUANOSINE-5'-MONOPHOSPHATE 'C10 H14 N5 O7 P'
DT DNA linking THYMIDINE-5'-MONOPHOSPHATE 'C10 H15 N2 O8 P'
#
# COMPACT_ATOMS: atom_id res chain seq x y z
N GLU F 8 -1.99 35.99 -50.09
CA GLU F 8 -2.53 34.75 -50.63
C GLU F 8 -3.67 34.94 -51.60
N ARG F 9 -4.14 33.79 -52.03
CA ARG F 9 -5.34 33.62 -52.82
C ARG F 9 -6.08 32.40 -52.29
N ARG F 10 -6.50 32.44 -51.03
CA ARG F 10 -7.13 31.27 -50.42
C ARG F 10 -8.30 31.59 -49.49
N ASP F 11 -9.22 30.61 -49.41
CA ASP F 11 -10.33 30.61 -48.45
C ASP F 11 -9.93 29.78 -47.28
N LEU F 12 -8.77 29.18 -47.38
CA LEU F 12 -8.34 28.37 -46.27
C LEU F 12 -8.86 29.03 -45.00
N PRO F 13 -9.56 28.25 -44.22
CA PRO F 13 -9.97 28.65 -42.88
C PRO F 13 -8.73 28.62 -41.99
N PRO F 14 -8.81 29.21 -40.80
CA PRO F 14 -7.67 29.23 -39.86
C PRO F 14 -7.22 27.84 -39.47
N ASN F 15 -6.05 27.69 -38.87
CA ASN F 15 -5.65 26.35 -38.40
C ASN F 15 -5.31 25.39 -39.53
N LEU F 16 -5.50 25.79 -40.77
CA LEU F 16 -5.34 24.84 -41.86
C LEU F 16 -4.28 25.34 -42.78
N TYR F 17 -3.25 24.53 -42.96
CA TYR F 17 -2.20 24.95 -43.85
C TYR F 17 -2.07 24.02 -45.06
N ILE F 18 -1.51 24.56 -46.15
CA ILE F 18 -1.27 23.83 -47.40
C ILE F 18 0.21 23.65 -47.65
N ARG F 19 0.62 22.47 -48.01
CA ARG F 19 2.05 22.32 -48.18
C ARG F 19 2.44 22.25 -49.65
N ASN F 20 3.72 22.48 -49.93
CA ASN F 20 4.34 22.48 -51.27
C ASN F 20 3.72 21.61 -52.37
N ASN F 21 3.25 20.44 -52.00
CA ASN F 21 2.65 19.52 -52.95
C ASN F 21 1.18 19.83 -53.13
N GLY F 22 0.65 20.61 -52.20
CA GLY F 22 -0.77 20.86 -52.12
C GLY F 22 -1.37 19.93 -51.08
N TYR F 23 -0.59 19.59 -50.06
CA TYR F 23 -1.08 18.69 -49.01
C TYR F 23 -1.61 19.50 -47.84
N TYR F 24 -2.85 19.24 -47.47
CA TYR F 24 -3.47 20.05 -46.44
C TYR F 24 -3.36 19.43 -45.07
N CYS F 25 -3.10 20.30 -44.10
CA CYS F 25 -2.98 19.90 -42.71
C CYS F 25 -3.69 20.87 -41.79
N TYR F 26 -4.27 20.31 -40.73
CA TYR F 26 -4.94 21.09 -39.69
C TYR F 26 -3.91 21.29 -38.65
N ARG F 27 -4.11 22.26 -37.81
CA ARG F 27 -3.20 22.41 -36.72
C ARG F 27 -4.02 22.64 -35.50
N ASP F 28 -3.95 21.65 -34.66
CA ASP F 28 -4.55 21.85 -33.40
C ASP F 28 -3.75 22.95 -32.79
N PRO F 29 -4.45 23.99 -32.35
CA PRO F 29 -3.78 25.11 -31.70
C PRO F 29 -3.51 24.84 -30.21
N ARG F 30 -4.18 23.82 -29.61
CA ARG F 30 -3.90 23.51 -28.20
C ARG F 30 -2.61 22.69 -28.03
N THR F 31 -2.36 21.78 -28.96
CA THR F 31 -1.15 20.97 -28.95
C THR F 31 -0.09 21.59 -29.87
N GLY F 32 -0.52 22.15 -30.99
CA GLY F 32 0.39 22.75 -31.93
C GLY F 32 0.89 21.73 -32.93
N LYS F 33 0.55 20.44 -32.69
CA LYS F 33 0.85 19.38 -33.64
C LYS F 33 -0.20 19.46 -34.75
N GLU F 34 0.22 19.19 -35.98
CA GLU F 34 -0.67 19.29 -37.13
C GLU F 34 -1.28 17.93 -37.48
N PHE F 35 -2.23 17.94 -38.42
CA PHE F 35 -2.90 16.71 -38.85
C PHE F 35 -3.13 16.74 -40.35
N GLY F 36 -2.93 15.60 -40.99
CA GLY F 36 -3.00 15.51 -42.44
C GLY F 36 -4.39 15.24 -42.93
N LEU F 37 -4.76 15.91 -44.00
CA LEU F 37 -6.12 15.80 -44.52
C LEU F 37 -6.19 15.18 -45.89
N GLY F 38 -5.22 15.53 -46.73
CA GLY F 38 -5.16 15.02 -48.07
C GLY F 38 -4.91 16.16 -49.03
N ARG F 39 -5.21 15.90 -50.29
CA ARG F 39 -5.06 16.89 -51.35
C ARG F 39 -6.39 17.53 -51.71
N ASP F 40 -7.48 16.92 -51.25
CA ASP F 40 -8.84 17.35 -51.54
C ASP F 40 -9.22 18.60 -50.76
N ARG F 41 -8.92 19.78 -51.33
CA ARG F 41 -9.18 21.04 -50.64
C ARG F 41 -10.63 21.18 -50.18
N ARG F 42 -11.57 20.69 -50.99
CA ARG F 42 -12.99 20.71 -50.63
C ARG F 42 -13.20 19.97 -49.32
N ILE F 43 -12.73 18.73 -49.26
CA ILE F 43 -12.92 17.93 -48.05
C ILE F 43 -12.14 18.54 -46.91
N ALA F 44 -10.92 18.98 -47.22
CA ALA F 44 -9.99 19.56 -46.22
C ALA F 44 -10.62 20.69 -45.43
N ILE F 45 -10.93 21.77 -46.14
CA ILE F 45 -11.67 22.88 -45.58
C ILE F 45 -12.86 22.34 -44.78
N THR F 46 -13.75 21.59 -45.45
CA THR F 46 -14.96 21.05 -44.80
C THR F 46 -14.67 20.53 -43.40
N GLU F 47 -13.72 19.61 -43.31
CA GLU F 47 -13.36 19.02 -42.05
C GLU F 47 -12.83 20.08 -41.12
N ALA F 48 -12.00 20.98 -41.65
CA ALA F 48 -11.42 22.05 -40.83
C ALA F 48 -12.50 22.94 -40.21
N ILE F 49 -13.51 23.30 -41.00
CA ILE F 49 -14.63 24.09 -40.49
C ILE F 49 -15.21 23.38 -39.27
N GLN F 50 -15.65 22.13 -39.47
CA GLN F 50 -16.24 21.33 -38.40
C GLN F 50 -15.32 21.24 -37.17
N ALA F 51 -14.01 21.23 -37.41
CA ALA F 51 -13.01 21.20 -36.35
C ALA F 51 -12.90 22.55 -35.65
N ASN F 52 -12.98 23.63 -36.41
CA ASN F 52 -12.90 24.92 -35.77
C ASN F 52 -14.17 25.23 -34.95
N ILE F 53 -15.33 24.72 -35.39
CA ILE F 53 -16.57 24.84 -34.60
C ILE F 53 -16.51 24.08 -33.26
N GLU F 54 -15.79 22.96 -33.23
CA GLU F 54 -15.54 22.22 -31.99
C GLU F 54 -14.65 22.99 -31.02
N LEU F 55 -13.79 23.85 -31.56
CA LEU F 55 -12.96 24.72 -30.73
C LEU F 55 -13.76 25.77 -30.00
N PHE F 56 -14.88 26.20 -30.56
CA PHE F 56 -15.75 27.14 -29.83
C PHE F 56 -16.38 26.56 -28.55
N SER F 57 -16.82 25.29 -28.57
CA SER F 57 -17.66 24.79 -27.47
C SER F 57 -17.57 23.30 -27.10
N GLY F 58 -17.12 22.44 -28.00
CA GLY F 58 -17.01 21.03 -27.71
C GLY F 58 -18.22 20.17 -28.12
N HIS F 59 -19.25 20.81 -28.66
CA HIS F 59 -20.39 20.10 -29.25
C HIS F 59 -19.87 19.20 -30.36
N LYS F 60 -20.13 17.90 -30.26
CA LYS F 60 -19.61 16.95 -31.23
C LYS F 60 -20.62 16.68 -32.34
N HIS F 61 -20.11 16.67 -33.57
CA HIS F 61 -20.76 15.94 -34.63
C HIS F 61 -20.32 14.52 -34.32
N LYS F 62 -21.02 13.98 -33.32
CA LYS F 62 -20.75 12.68 -32.77
C LYS F 62 -21.19 11.64 -33.77
N PRO F 63 -20.33 10.61 -33.96
CA PRO F 63 -20.64 9.59 -34.96
C PRO F 63 -21.92 8.83 -34.66
N LEU F 64 -22.45 8.22 -35.67
CA LEU F 64 -23.61 7.36 -35.49
C LEU F 64 -23.26 6.18 -34.61
N THR F 65 -22.09 5.59 -34.82
CA THR F 65 -21.65 4.48 -33.96
C THR F 65 -21.89 4.79 -32.48
N ALA F 66 -21.19 5.84 -31.99
CA ALA F 66 -21.26 6.19 -30.58
C ALA F 66 -22.71 6.47 -30.19
N ARG F 67 -23.42 7.17 -31.07
CA ARG F 67 -24.81 7.52 -30.78
C ARG F 67 -25.59 6.27 -30.42
N ILE F 68 -25.37 5.22 -31.20
CA ILE F 68 -26.07 3.98 -31.00
C ILE F 68 -25.65 3.27 -29.71
N ASN F 69 -24.37 3.20 -29.45
CA ASN F 69 -23.93 2.59 -28.20
C ASN F 69 -24.51 3.33 -26.98
N SER F 70 -24.53 4.66 -27.05
CA SER F 70 -24.99 5.50 -25.95
C SER F 70 -26.47 5.49 -25.56
N ASP F 71 -27.38 5.57 -26.55
CA ASP F 71 -28.83 5.68 -26.30
C ASP F 71 -29.48 4.38 -25.79
N ASN F 72 -28.70 3.31 -25.77
CA ASN F 72 -29.11 2.02 -25.19
C ASN F 72 -28.63 1.89 -23.75
N SER F 73 -27.37 2.27 -23.58
CA SER F 73 -26.66 2.11 -22.32
C SER F 73 -27.04 3.17 -21.28
N VAL F 74 -26.52 2.98 -20.05
CA VAL F 74 -26.97 3.66 -18.85
C VAL F 74 -26.01 4.74 -18.31
N THR F 75 -26.58 5.79 -17.68
CA THR F 75 -25.91 6.98 -17.17
C THR F 75 -25.47 6.86 -15.71
N LEU F 76 -24.32 7.44 -15.37
CA LEU F 76 -23.78 7.41 -13.99
C LEU F 76 -24.79 7.75 -12.88
N HIS F 77 -25.24 8.99 -12.81
CA HIS F 77 -26.15 9.34 -11.72
C HIS F 77 -27.37 8.45 -11.75
N SER F 78 -27.80 8.07 -12.94
CA SER F 78 -29.00 7.23 -13.09
C SER F 78 -28.71 5.86 -12.49
N TRP F 79 -27.48 5.39 -12.68
CA TRP F 79 -27.06 4.10 -12.18
C TRP F 79 -26.94 4.17 -10.70
N LEU F 80 -26.46 5.30 -10.20
CA LEU F 80 -26.32 5.53 -8.76
C LEU F 80 -27.69 5.55 -8.03
N ASP F 81 -28.72 6.07 -8.69
CA ASP F 81 -30.08 6.02 -8.16
C ASP F 81 -30.47 4.56 -7.97
N ARG F 82 -30.24 3.77 -9.02
CA ARG F 82 -30.49 2.34 -8.99
C ARG F 82 -29.64 1.65 -7.93
N TYR F 83 -28.37 2.02 -7.90
CA TYR F 83 -27.40 1.48 -6.96
C TYR F 83 -27.89 1.55 -5.51
N GLU F 84 -28.42 2.71 -5.14
CA GLU F 84 -28.94 2.94 -3.79
C GLU F 84 -29.97 1.89 -3.48
N LYS F 85 -30.75 1.51 -4.50
CA LYS F 85 -31.79 0.51 -4.33
C LYS F 85 -31.19 -0.85 -4.07
N ILE F 86 -30.05 -1.14 -4.70
CA ILE F 86 -29.37 -2.43 -4.49
C ILE F 86 -28.90 -2.59 -3.06
N LEU F 87 -28.17 -1.60 -2.58
CA LEU F 87 -27.77 -1.58 -1.18
C LEU F 87 -28.97 -1.72 -0.23
N ALA F 88 -30.01 -0.90 -0.40
CA ALA F 88 -31.19 -0.98 0.46
C ALA F 88 -31.63 -2.43 0.64
N SER F 89 -31.25 -3.26 -0.34
CA SER F 89 -31.63 -4.67 -0.37
C SER F 89 -30.57 -5.64 0.14
N ARG F 90 -29.37 -5.16 0.46
CA ARG F 90 -28.32 -6.06 0.93
C ARG F 90 -28.52 -6.56 2.36
N GLY F 91 -29.47 -5.97 3.08
CA GLY F 91 -29.66 -6.28 4.48
C GLY F 91 -28.61 -5.67 5.40
N ILE F 92 -28.16 -4.46 5.07
CA ILE F 92 -27.13 -3.78 5.85
C ILE F 92 -27.80 -2.91 6.91
N LYS F 93 -27.04 -2.62 7.98
CA LYS F 93 -27.51 -1.79 9.09
C LYS F 93 -27.61 -0.32 8.69
N GLN F 94 -28.48 0.42 9.37
CA GLN F 94 -28.81 1.80 8.98
C GLN F 94 -27.59 2.71 8.85
N LYS F 95 -26.75 2.73 9.88
CA LYS F 95 -25.50 3.50 9.82
C LYS F 95 -24.70 3.16 8.53
N THR F 96 -24.53 1.87 8.24
CA THR F 96 -23.83 1.41 7.07
C THR F 96 -24.41 2.09 5.86
N LEU F 97 -25.73 2.15 5.79
CA LEU F 97 -26.39 2.72 4.63
C LEU F 97 -26.11 4.21 4.60
N ILE F 98 -26.11 4.81 5.78
CA ILE F 98 -25.87 6.22 5.85
C ILE F 98 -24.49 6.48 5.25
N ASN F 99 -23.49 5.75 5.70
CA ASN F 99 -22.15 5.94 5.15
C ASN F 99 -22.14 5.89 3.62
N TYR F 100 -22.73 4.82 3.06
CA TYR F 100 -22.75 4.63 1.61
C TYR F 100 -23.37 5.82 0.94
N MET F 101 -24.56 6.21 1.39
CA MET F 101 -25.25 7.36 0.81
C MET F 101 -24.27 8.50 0.68
N SER F 102 -23.48 8.69 1.73
CA SER F 102 -22.56 9.80 1.75
C SER F 102 -21.55 9.69 0.66
N LYS F 103 -21.00 8.50 0.49
CA LYS F 103 -19.96 8.32 -0.51
C LYS F 103 -20.53 8.56 -1.89
N ILE F 104 -21.78 8.16 -2.07
CA ILE F 104 -22.46 8.35 -3.33
C ILE F 104 -22.63 9.84 -3.58
N LYS F 105 -23.11 10.55 -2.56
CA LYS F 105 -23.30 11.98 -2.65
C LYS F 105 -22.01 12.59 -3.17
N ALA F 106 -20.90 12.18 -2.58
CA ALA F 106 -19.58 12.66 -3.04
C ALA F 106 -19.33 12.32 -4.49
N ILE F 107 -19.70 11.10 -4.87
CA ILE F 107 -19.50 10.66 -6.23
C ILE F 107 -20.31 11.54 -7.16
N ARG F 108 -21.52 11.91 -6.74
CA ARG F 108 -22.36 12.78 -7.55
C ARG F 108 -21.70 14.13 -7.76
N ARG F 109 -21.11 14.68 -6.72
CA ARG F 109 -20.43 15.96 -6.86
C ARG F 109 -19.18 15.85 -7.70
N GLY F 110 -18.49 14.71 -7.60
CA GLY F 110 -17.20 14.53 -8.27
C GLY F 110 -17.19 14.14 -9.74
N LEU F 111 -18.22 13.41 -10.17
CA LEU F 111 -18.29 12.94 -11.54
C LEU F 111 -19.53 13.43 -12.29
N PRO F 112 -19.41 13.65 -13.60
CA PRO F 112 -20.52 14.04 -14.48
C PRO F 112 -21.57 12.94 -14.62
N ASP F 113 -22.75 13.29 -15.13
CA ASP F 113 -23.80 12.31 -15.35
C ASP F 113 -23.80 11.78 -16.79
N ALA F 114 -22.72 11.10 -17.18
CA ALA F 114 -22.60 10.61 -18.54
C ALA F 114 -22.64 9.07 -18.60
N PRO F 115 -22.68 8.50 -19.80
CA PRO F 115 -22.62 7.05 -19.97
C PRO F 115 -21.50 6.38 -19.16
N LEU F 116 -21.89 5.42 -18.32
CA LEU F 116 -20.95 4.66 -17.52
C LEU F 116 -19.71 4.30 -18.33
N GLU F 117 -19.95 3.67 -19.47
CA GLU F 117 -18.87 3.22 -20.33
C GLU F 117 -17.90 4.35 -20.68
N ASP F 118 -18.34 5.60 -20.49
CA ASP F 118 -17.55 6.75 -20.89
C ASP F 118 -16.93 7.53 -19.75
N ILE F 119 -16.99 7.01 -18.54
CA ILE F 119 -16.26 7.61 -17.44
C ILE F 119 -14.85 7.02 -17.43
N THR F 120 -13.84 7.87 -17.56
CA THR F 120 -12.47 7.40 -17.63
C THR F 120 -11.74 7.24 -16.30
N THR F 121 -10.85 6.26 -16.30
CA THR F 121 -9.95 6.03 -15.20
C THR F 121 -9.33 7.35 -14.81
N LYS F 122 -8.92 8.11 -15.82
CA LYS F 122 -8.32 9.42 -15.59
C LYS F 122 -9.24 10.33 -14.77
N GLU F 123 -10.51 10.39 -15.15
CA GLU F 123 -11.49 11.22 -14.47
C GLU F 123 -11.63 10.79 -13.03
N ILE F 124 -11.86 9.50 -12.83
CA ILE F 124 -11.99 9.01 -11.48
C ILE F 124 -10.77 9.38 -10.68
N ALA F 125 -9.61 9.02 -11.22
CA ALA F 125 -8.34 9.32 -10.59
C ALA F 125 -8.30 10.77 -10.11
N ALA F 126 -8.60 11.68 -11.04
CA ALA F 126 -8.60 13.10 -10.75
C ALA F 126 -9.40 13.38 -9.48
N MET F 127 -10.62 12.85 -9.41
CA MET F 127 -11.45 13.12 -8.25
C MET F 127 -10.73 12.71 -7.00
N LEU F 128 -10.34 11.44 -6.96
CA LEU F 128 -9.72 10.86 -5.80
C LEU F 128 -8.50 11.66 -5.31
N ASN F 129 -7.61 12.02 -6.23
CA ASN F 129 -6.48 12.85 -5.85
C ASN F 129 -6.96 14.15 -5.24
N GLY F 130 -8.06 14.66 -5.75
CA GLY F 130 -8.69 15.86 -5.22
C GLY F 130 -8.91 15.72 -3.73
N TYR F 131 -9.44 14.57 -3.32
CA TYR F 131 -9.57 14.28 -1.90
C TYR F 131 -8.21 14.13 -1.23
N ILE F 132 -7.27 13.47 -1.91
CA ILE F 132 -5.95 13.24 -1.29
C ILE F 132 -5.18 14.53 -1.02
N ASP F 133 -5.32 15.49 -1.94
CA ASP F 133 -4.65 16.78 -1.85
C ASP F 133 -5.24 17.68 -0.77
N GLU F 134 -6.53 17.51 -0.46
CA GLU F 134 -7.14 18.20 0.68
C GLU F 134 -6.78 17.48 1.97
N GLY F 135 -6.10 16.34 1.85
CA GLY F 135 -5.62 15.58 2.98
C GLY F 135 -6.66 14.62 3.52
N LYS F 136 -7.67 14.34 2.70
CA LYS F 136 -8.75 13.47 3.12
C LYS F 136 -8.56 12.06 2.54
N ALA F 137 -7.37 11.53 2.73
CA ALA F 137 -6.98 10.23 2.18
C ALA F 137 -8.01 9.17 2.53
N ALA F 138 -8.45 9.20 3.78
CA ALA F 138 -9.43 8.25 4.24
C ALA F 138 -10.65 8.27 3.31
N SER F 139 -11.29 9.45 3.20
CA SER F 139 -12.46 9.61 2.37
C SER F 139 -12.20 9.04 0.98
N ALA F 140 -11.00 9.31 0.46
CA ALA F 140 -10.63 8.86 -0.88
C ALA F 140 -10.72 7.36 -1.01
N LYS F 141 -10.11 6.67 -0.06
CA LYS F 141 -10.16 5.23 -0.04
C LYS F 141 -11.60 4.75 -0.06
N LEU F 142 -12.44 5.35 0.78
CA LEU F 142 -13.83 4.89 0.89
C LEU F 142 -14.62 5.15 -0.39
N ILE F 143 -14.50 6.38 -0.88
CA ILE F 143 -15.15 6.76 -2.14
C ILE F 143 -14.74 5.79 -3.24
N ARG F 144 -13.43 5.63 -3.43
CA ARG F 144 -12.95 4.70 -4.42
C ARG F 144 -13.71 3.41 -4.25
N SER F 145 -13.69 2.88 -3.04
CA SER F 145 -14.36 1.62 -2.74
C SER F 145 -15.79 1.64 -3.23
N THR F 146 -16.57 2.55 -2.68
CA THR F 146 -17.95 2.63 -3.09
C THR F 146 -18.11 2.64 -4.60
N LEU F 147 -17.32 3.46 -5.27
CA LEU F 147 -17.48 3.62 -6.70
C LEU F 147 -17.22 2.27 -7.34
N SER F 148 -16.16 1.61 -6.89
CA SER F 148 -15.77 0.32 -7.46
C SER F 148 -16.90 -0.69 -7.34
N ASP F 149 -17.52 -0.72 -6.17
CA ASP F 149 -18.65 -1.60 -5.93
C ASP F 149 -19.87 -1.21 -6.77
N ALA F 150 -20.17 0.08 -6.90
CA ALA F 150 -21.21 0.54 -7.80
C ALA F 150 -20.95 0.03 -9.21
N PHE F 151 -19.67 0.03 -9.60
CA PHE F 151 -19.29 -0.43 -10.92
C PHE F 151 -19.45 -1.93 -11.07
N ARG F 152 -18.94 -2.65 -10.09
CA ARG F 152 -19.09 -4.08 -10.10
C ARG F 152 -20.56 -4.38 -10.30
N GLU F 153 -21.43 -3.64 -9.65
CA GLU F 153 -22.85 -3.91 -9.79
C GLU F 153 -23.31 -3.52 -11.19
N ALA F 154 -22.83 -2.39 -11.70
CA ALA F 154 -23.19 -2.02 -13.04
C ALA F 154 -22.81 -3.18 -13.96
N ILE F 155 -21.75 -3.88 -13.59
CA ILE F 155 -21.28 -5.01 -14.38
C ILE F 155 -22.20 -6.21 -14.29
N ALA F 156 -22.61 -6.55 -13.08
CA ALA F 156 -23.46 -7.72 -12.89
C ALA F 156 -24.86 -7.57 -13.44
N GLU F 157 -25.30 -6.33 -13.72
CA GLU F 157 -26.58 -6.11 -14.39
C GLU F 157 -26.35 -5.76 -15.86
N GLY F 158 -25.10 -5.94 -16.29
CA GLY F 158 -24.73 -5.88 -17.68
C GLY F 158 -24.84 -4.53 -18.35
N HIS F 159 -24.42 -3.48 -17.67
CA HIS F 159 -24.51 -2.15 -18.25
C HIS F 159 -23.13 -1.71 -18.74
N ILE F 160 -22.12 -2.00 -17.94
CA ILE F 160 -20.74 -1.86 -18.38
C ILE F 160 -20.25 -3.27 -18.64
N THR F 161 -18.94 -3.39 -18.81
CA THR F 161 -18.33 -4.66 -19.09
C THR F 161 -17.01 -4.80 -18.32
N THR F 162 -16.38 -3.67 -18.00
CA THR F 162 -15.15 -3.60 -17.18
C THR F 162 -15.20 -2.48 -16.15
N ASN F 163 -14.36 -2.61 -15.13
CA ASN F 163 -14.39 -1.73 -13.97
C ASN F 163 -13.31 -0.69 -14.08
N HIS F 164 -13.69 0.48 -14.57
CA HIS F 164 -12.70 1.49 -14.83
C HIS F 164 -12.00 1.94 -13.58
N VAL F 165 -12.42 1.46 -12.41
CA VAL F 165 -11.80 1.89 -11.16
C VAL F 165 -10.71 0.92 -10.71
N ALA F 166 -10.93 -0.36 -10.97
CA ALA F 166 -9.98 -1.40 -10.56
C ALA F 166 -8.58 -0.98 -10.92
N ALA F 167 -8.49 -0.02 -11.84
CA ALA F 167 -7.22 0.55 -12.26
C ALA F 167 -6.69 1.72 -11.39
N THR F 168 -7.43 2.17 -10.37
CA THR F 168 -7.04 3.38 -9.61
C THR F 168 -6.15 3.16 -8.40
N ARG F 169 -5.40 4.21 -8.07
CA ARG F 169 -4.49 4.21 -6.92
C ARG F 169 -5.21 4.13 -5.58
N ALA F 170 -5.47 2.90 -5.10
CA ALA F 170 -6.12 2.68 -3.81
C ALA F 170 -5.26 3.33 -2.72
N ALA F 171 -5.75 4.42 -2.16
CA ALA F 171 -4.93 5.30 -1.31
C ALA F 171 -4.17 4.64 -0.19
N LYS F 172 -3.21 5.37 0.37
CA LYS F 172 -2.48 4.91 1.54
C LYS F 172 -3.42 4.95 2.75
N SER F 173 -3.09 4.18 3.77
CA SER F 173 -3.94 4.09 4.95
C SER F 173 -3.16 4.35 6.23
N LYS F 174 -2.72 5.60 6.42
CA LYS F 174 -1.98 5.97 7.63
C LYS F 174 -2.97 6.33 8.74
N VAL F 175 -2.74 5.80 9.94
CA VAL F 175 -3.66 6.05 11.04
C VAL F 175 -3.06 7.05 11.99
N ARG F 176 -3.74 8.17 12.11
CA ARG F 176 -3.18 9.34 12.76
C ARG F 176 -3.47 9.48 14.25
N ARG F 177 -4.59 8.93 14.70
CA ARG F 177 -5.01 9.05 16.08
C ARG F 177 -4.03 8.40 17.05
N SER F 178 -3.57 9.20 18.00
CA SER F 178 -2.58 8.74 18.97
C SER F 178 -3.24 7.87 20.02
N ARG F 179 -2.51 6.84 20.47
CA ARG F 179 -2.98 5.97 21.56
C ARG F 179 -2.97 6.72 22.90
N LEU F 180 -3.54 6.10 23.93
CA LEU F 180 -3.62 6.76 25.22
C LEU F 180 -2.89 5.98 26.32
N THR F 181 -1.99 6.65 27.04
CA THR F 181 -1.29 6.01 28.16
C THR F 181 -2.02 6.22 29.47
N ALA F 182 -1.83 5.27 30.39
CA ALA F 182 -2.49 5.30 31.68
C ALA F 182 -2.32 6.65 32.36
N ASP F 183 -1.10 7.16 32.35
CA ASP F 183 -0.83 8.44 32.95
C ASP F 183 -1.74 9.50 32.33
N GLU F 184 -1.74 9.56 31.00
CA GLU F 184 -2.53 10.54 30.29
C GLU F 184 -3.97 10.40 30.73
N TYR F 185 -4.42 9.16 30.86
CA TYR F 185 -5.75 8.91 31.37
C TYR F 185 -5.94 9.63 32.68
N LEU F 186 -5.01 9.43 33.60
CA LEU F 186 -5.15 10.05 34.91
C LEU F 186 -5.26 11.56 34.79
N LYS F 187 -4.37 12.17 34.02
CA LYS F 187 -4.33 13.61 33.93
C LYS F 187 -5.66 14.14 33.40
N ILE F 188 -6.19 13.48 32.38
CA ILE F 188 -7.49 13.85 31.85
C ILE F 188 -8.55 13.68 32.92
N TYR F 189 -8.50 12.54 33.60
CA TYR F 189 -9.49 12.19 34.60
C TYR F 189 -9.61 13.30 35.61
N GLN F 190 -8.46 13.90 35.90
CA GLN F 190 -8.40 14.99 36.85
C GLN F 190 -8.94 16.28 36.24
N ALA F 191 -8.53 16.58 35.01
CA ALA F 191 -8.99 17.78 34.33
C ALA F 191 -10.51 17.80 34.20
N ALA F 192 -11.10 16.60 34.19
CA ALA F 192 -12.55 16.44 34.07
C ALA F 192 -13.27 16.73 35.39
N GLU F 193 -12.65 17.56 36.21
CA GLU F 193 -13.24 17.96 37.49
C GLU F 193 -14.42 18.90 37.25
N SER F 194 -14.18 19.94 36.46
CA SER F 194 -15.19 20.95 36.17
C SER F 194 -16.19 20.50 35.10
N SER F 195 -16.13 19.21 34.78
CA SER F 195 -17.05 18.64 33.80
C SER F 195 -18.15 17.89 34.55
N PRO F 196 -19.34 17.82 33.95
CA PRO F 196 -20.46 17.08 34.57
C PRO F 196 -20.01 15.74 35.14
N CYS F 197 -20.59 15.38 36.28
CA CYS F 197 -20.27 14.16 36.99
C CYS F 197 -20.19 12.88 36.14
N TRP F 198 -21.09 12.75 35.17
CA TRP F 198 -21.15 11.53 34.37
C TRP F 198 -19.91 11.26 33.52
N LEU F 199 -19.15 12.30 33.19
CA LEU F 199 -17.96 12.10 32.37
C LEU F 199 -16.96 11.15 33.03
N ARG F 200 -16.49 11.53 34.22
CA ARG F 200 -15.56 10.71 34.98
C ARG F 200 -16.07 9.29 35.06
N LEU F 201 -17.32 9.15 35.52
CA LEU F 201 -17.93 7.83 35.57
C LEU F 201 -17.90 7.10 34.21
N ALA F 202 -18.45 7.75 33.19
CA ALA F 202 -18.38 7.20 31.85
C ALA F 202 -16.97 6.64 31.66
N MET F 203 -15.98 7.49 31.88
CA MET F 203 -14.59 7.17 31.62
C MET F 203 -14.15 5.91 32.35
N GLU F 204 -14.51 5.82 33.62
CA GLU F 204 -14.13 4.64 34.38
C GLU F 204 -14.82 3.42 33.81
N LEU F 205 -16.15 3.48 33.72
CA LEU F 205 -16.92 2.37 33.22
C LEU F 205 -16.35 1.85 31.90
N ALA F 206 -15.95 2.78 31.05
CA ALA F 206 -15.35 2.48 29.76
C ALA F 206 -14.09 1.62 29.87
N VAL F 207 -13.11 2.13 30.59
CA VAL F 207 -11.84 1.42 30.71
C VAL F 207 -12.06 0.08 31.38
N VAL F 208 -12.86 0.06 32.44
CA VAL F 208 -13.05 -1.16 33.18
C VAL F 208 -13.86 -2.21 32.42
N THR F 209 -14.68 -1.81 31.45
CA THR F 209 -15.47 -2.81 30.71
C THR F 209 -14.95 -3.05 29.31
N GLY F 210 -14.25 -2.06 28.78
CA GLY F 210 -13.70 -2.12 27.45
C GLY F 210 -14.75 -2.13 26.35
N GLN F 211 -15.97 -1.71 26.68
CA GLN F 211 -17.02 -1.66 25.67
C GLN F 211 -16.93 -0.35 24.92
N ARG F 212 -17.49 -0.34 23.69
CA ARG F 212 -17.55 0.86 22.85
C ARG F 212 -18.53 1.87 23.42
N VAL F 213 -18.26 3.13 23.13
CA VAL F 213 -19.09 4.20 23.67
C VAL F 213 -20.58 4.02 23.32
N GLY F 214 -20.83 3.62 22.09
CA GLY F 214 -22.19 3.37 21.66
C GLY F 214 -22.86 2.45 22.68
N ASP F 215 -22.22 1.32 22.94
CA ASP F 215 -22.82 0.29 23.79
C ASP F 215 -22.89 0.73 25.25
N LEU F 216 -21.86 1.46 25.66
CA LEU F 216 -21.78 1.98 27.02
C LEU F 216 -23.02 2.78 27.37
N CYS F 217 -23.33 3.72 26.50
CA CYS F 217 -24.44 4.62 26.66
C CYS F 217 -25.80 3.97 26.53
N GLU F 218 -25.82 2.67 26.23
CA GLU F 218 -27.09 1.97 26.14
C GLU F 218 -27.28 0.94 27.24
N MET F 219 -26.32 0.82 28.14
CA MET F 219 -26.41 -0.15 29.22
C MET F 219 -27.48 0.24 30.22
N LYS F 220 -28.42 -0.66 30.47
CA LYS F 220 -29.52 -0.40 31.39
C LYS F 220 -29.30 -1.18 32.69
N TRP F 221 -29.82 -0.67 33.81
CA TRP F 221 -29.64 -1.37 35.07
C TRP F 221 -30.24 -2.76 35.00
N SER F 222 -31.25 -2.92 34.16
CA SER F 222 -31.91 -4.20 33.97
C SER F 222 -31.06 -5.22 33.19
N ASP F 223 -29.85 -4.81 32.82
CA ASP F 223 -28.93 -5.70 32.12
C ASP F 223 -27.92 -6.36 33.07
N ILE F 224 -28.03 -6.04 34.35
CA ILE F 224 -27.17 -6.64 35.36
C ILE F 224 -27.93 -7.67 36.20
N VAL F 225 -27.55 -8.93 36.04
CA VAL F 225 -28.21 -10.02 36.75
C VAL F 225 -27.18 -10.88 37.45
N ASP F 226 -27.29 -10.96 38.78
CA ASP F 226 -26.46 -11.84 39.60
C ASP F 226 -24.94 -11.56 39.50
N GLY F 227 -24.56 -10.29 39.46
CA GLY F 227 -23.15 -9.92 39.40
C GLY F 227 -22.49 -9.94 38.02
N TYR F 228 -23.30 -10.10 36.98
CA TYR F 228 -22.79 -10.07 35.62
C TYR F 228 -23.51 -9.03 34.77
N LEU F 229 -22.74 -8.20 34.07
CA LEU F 229 -23.28 -7.17 33.18
C LEU F 229 -23.42 -7.71 31.77
N TYR F 230 -24.66 -7.85 31.34
CA TYR F 230 -24.96 -8.39 30.03
C TYR F 230 -24.85 -7.33 28.95
N VAL F 231 -24.05 -7.63 27.93
CA VAL F 231 -23.81 -6.69 26.84
C VAL F 231 -23.98 -7.40 25.51
N GLU F 232 -24.77 -6.82 24.62
CA GLU F 232 -24.88 -7.29 23.23
C GLU F 232 -24.42 -6.11 22.37
N GLN F 233 -23.23 -6.23 21.79
CA GLN F 233 -22.57 -5.10 21.13
C GLN F 233 -23.27 -4.71 19.84
N SER F 234 -23.63 -3.43 19.72
CA SER F 234 -24.42 -2.93 18.59
C SER F 234 -23.75 -3.13 17.24
N LYS F 235 -22.46 -2.87 17.21
CA LYS F 235 -21.70 -2.95 15.97
C LYS F 235 -21.46 -4.36 15.47
N THR F 236 -21.32 -5.32 16.37
CA THR F 236 -21.02 -6.68 15.95
C THR F 236 -22.10 -7.70 16.28
N GLY F 237 -22.96 -7.39 17.24
CA GLY F 237 -23.92 -8.39 17.69
C GLY F 237 -23.32 -9.43 18.64
N VAL F 238 -22.06 -9.25 19.02
CA VAL F 238 -21.46 -10.13 20.02
C VAL F 238 -22.21 -9.97 21.33
N LYS F 239 -22.33 -11.06 22.09
CA LYS F 239 -23.03 -11.04 23.38
C LYS F 239 -22.13 -11.54 24.52
N ILE F 240 -21.88 -10.70 25.52
CA ILE F 240 -21.02 -11.10 26.62
C ILE F 240 -21.64 -10.77 27.94
N ALA F 241 -21.16 -11.47 28.97
CA ALA F 241 -21.55 -11.19 30.35
C ALA F 241 -20.29 -10.79 31.09
N ILE F 242 -20.28 -9.56 31.62
CA ILE F 242 -19.12 -9.07 32.36
C ILE F 242 -19.31 -9.15 33.86
N PRO F 243 -18.33 -9.72 34.56
CA PRO F 243 -18.44 -9.84 36.00
C PRO F 243 -18.24 -8.48 36.63
N THR F 244 -19.17 -8.08 37.49
CA THR F 244 -19.10 -6.78 38.13
C THR F 244 -17.85 -6.66 38.98
N ALA F 245 -17.15 -7.79 39.12
CA ALA F 245 -16.03 -7.89 40.03
C ALA F 245 -14.69 -7.47 39.43
N LEU F 246 -14.72 -6.84 38.26
CA LEU F 246 -13.48 -6.43 37.61
C LEU F 246 -12.81 -5.28 38.33
N HIS F 247 -11.50 -5.17 38.13
CA HIS F 247 -10.71 -4.13 38.77
C HIS F 247 -9.51 -3.81 37.89
N ILE F 248 -9.21 -2.54 37.72
CA ILE F 248 -8.01 -2.16 36.98
C ILE F 248 -7.04 -1.63 38.01
N ASP F 249 -6.12 -2.51 38.43
CA ASP F 249 -5.19 -2.18 39.49
C ASP F 249 -4.34 -0.97 39.12
N ALA F 250 -3.97 -0.88 37.84
CA ALA F 250 -3.12 0.20 37.36
C ALA F 250 -3.73 1.60 37.52
N LEU F 251 -5.05 1.68 37.48
CA LEU F 251 -5.69 2.97 37.57
C LEU F 251 -6.50 3.07 38.84
N GLY F 252 -6.58 1.95 39.54
CA GLY F 252 -7.26 1.91 40.83
C GLY F 252 -8.76 2.04 40.64
N ILE F 253 -9.25 1.41 39.58
CA ILE F 253 -10.66 1.48 39.29
C ILE F 253 -11.31 0.17 39.66
N SER F 254 -12.42 0.26 40.37
CA SER F 254 -13.22 -0.93 40.63
C SER F 254 -14.55 -0.81 39.89
N MET F 255 -14.89 -1.82 39.10
CA MET F 255 -16.14 -1.78 38.36
C MET F 255 -17.28 -1.64 39.34
N LYS F 256 -17.32 -2.53 40.32
CA LYS F 256 -18.38 -2.52 41.33
C LYS F 256 -18.53 -1.15 42.00
N GLU F 257 -17.42 -0.61 42.51
CA GLU F 257 -17.42 0.69 43.18
C GLU F 257 -17.97 1.75 42.23
N THR F 258 -17.46 1.73 41.01
CA THR F 258 -17.90 2.66 40.00
C THR F 258 -19.39 2.48 39.69
N LEU F 259 -19.86 1.24 39.68
CA LEU F 259 -21.27 1.01 39.39
C LEU F 259 -22.12 1.61 40.51
N ASP F 260 -21.62 1.55 41.73
CA ASP F 260 -22.33 2.12 42.86
C ASP F 260 -22.45 3.64 42.77
N LYS F 261 -21.33 4.31 42.48
CA LYS F 261 -21.36 5.77 42.31
C LYS F 261 -22.39 6.18 41.25
N CYS F 262 -22.40 5.45 40.13
CA CYS F 262 -23.37 5.70 39.07
C CYS F 262 -24.80 5.55 39.56
N LYS F 263 -25.00 4.58 40.46
CA LYS F 263 -26.34 4.30 40.98
C LYS F 263 -26.89 5.44 41.82
N GLU F 264 -26.07 6.01 42.69
CA GLU F 264 -26.51 7.09 43.57
C GLU F 264 -26.49 8.46 42.88
N ILE F 265 -25.31 8.83 42.39
CA ILE F 265 -25.06 10.14 41.80
C ILE F 265 -25.81 10.36 40.47
N LEU F 266 -25.99 9.29 39.68
CA LEU F 266 -26.60 9.44 38.35
C LEU F 266 -28.05 8.98 38.22
N GLY F 267 -28.36 7.82 38.80
CA GLY F 267 -29.72 7.29 38.83
C GLY F 267 -30.61 7.52 37.62
N GLY F 268 -30.81 6.48 36.82
CA GLY F 268 -31.72 6.54 35.68
C GLY F 268 -31.95 5.09 35.29
N GLU F 269 -32.64 4.86 34.18
CA GLU F 269 -32.79 3.49 33.70
C GLU F 269 -31.47 3.02 33.08
N THR F 270 -30.75 3.97 32.49
CA THR F 270 -29.46 3.72 31.86
C THR F 270 -28.36 3.89 32.88
N ILE F 271 -27.40 2.99 32.85
CA ILE F 271 -26.29 3.02 33.79
C ILE F 271 -25.58 4.36 33.81
N ILE F 272 -25.31 4.91 32.63
CA ILE F 272 -24.81 6.25 32.55
C ILE F 272 -26.03 7.10 32.29
N ALA F 273 -26.07 8.28 32.87
CA ALA F 273 -27.18 9.18 32.67
C ALA F 273 -26.76 10.65 32.74
N SER F 274 -27.64 11.52 32.24
CA SER F 274 -27.44 12.96 32.29
C SER F 274 -27.80 13.49 33.68
N THR F 275 -27.57 14.77 33.89
CA THR F 275 -27.90 15.42 35.15
C THR F 275 -29.41 15.40 35.41
N ARG F 276 -30.19 15.18 34.36
CA ARG F 276 -31.65 15.11 34.45
C ARG F 276 -32.15 13.67 34.51
N ARG F 277 -31.22 12.74 34.78
CA ARG F 277 -31.50 11.30 34.89
C ARG F 277 -31.87 10.62 33.56
N GLU F 278 -31.54 11.27 32.45
CA GLU F 278 -31.88 10.76 31.12
C GLU F 278 -30.67 10.16 30.41
N PRO F 279 -30.89 9.23 29.49
CA PRO F 279 -29.83 8.61 28.69
C PRO F 279 -29.00 9.62 27.89
N LEU F 280 -27.73 9.28 27.63
CA LEU F 280 -26.82 10.14 26.86
C LEU F 280 -26.56 9.65 25.44
N SER F 281 -26.40 10.61 24.52
CA SER F 281 -26.04 10.30 23.15
C SER F 281 -24.54 10.07 23.17
N SER F 282 -24.10 9.00 22.52
CA SER F 282 -22.69 8.61 22.56
C SER F 282 -21.80 9.74 22.10
N GLY F 283 -22.28 10.52 21.14
CA GLY F 283 -21.54 11.67 20.65
C GLY F 283 -21.21 12.63 21.77
N THR F 284 -22.21 12.91 22.59
CA THR F 284 -22.06 13.87 23.68
C THR F 284 -20.90 13.46 24.55
N VAL F 285 -20.93 12.20 24.98
CA VAL F 285 -19.91 11.66 25.86
C VAL F 285 -18.56 11.87 25.20
N SER F 286 -18.48 11.51 23.92
CA SER F 286 -17.25 11.71 23.17
C SER F 286 -16.84 13.16 23.22
N ARG F 287 -17.82 14.04 23.06
CA ARG F 287 -17.56 15.46 23.03
C ARG F 287 -16.92 15.96 24.33
N TYR F 288 -17.53 15.63 25.46
CA TYR F 288 -16.99 16.16 26.71
C TYR F 288 -15.61 15.61 27.02
N PHE F 289 -15.35 14.37 26.60
CA PHE F 289 -14.04 13.78 26.81
C PHE F 289 -13.04 14.64 26.08
N MET F 290 -13.36 14.93 24.83
CA MET F 290 -12.51 15.79 24.04
C MET F 290 -12.21 17.05 24.85
N ARG F 291 -13.25 17.66 25.40
CA ARG F 291 -13.12 18.92 26.12
C ARG F 291 -12.15 18.80 27.27
N ALA F 292 -12.43 17.85 28.15
CA ALA F 292 -11.53 17.60 29.27
C ALA F 292 -10.11 17.32 28.78
N ARG F 293 -10.00 16.77 27.57
CA ARG F 293 -8.68 16.48 27.02
C ARG F 293 -7.94 17.77 26.70
N LYS F 294 -8.59 18.69 26.01
CA LYS F 294 -8.02 19.99 25.73
C LYS F 294 -7.63 20.68 27.04
N ALA F 295 -8.55 20.66 27.99
CA ALA F 295 -8.34 21.28 29.30
C ALA F 295 -7.16 20.67 30.05
N SER F 296 -6.85 19.41 29.76
CA SER F 296 -5.68 18.76 30.34
C SER F 296 -4.40 19.42 29.83
N GLY F 297 -4.43 19.85 28.58
CA GLY F 297 -3.30 20.55 28.00
C GLY F 297 -2.11 19.66 27.67
N LEU F 298 -2.36 18.36 27.52
CA LEU F 298 -1.31 17.43 27.15
C LEU F 298 -0.97 17.59 25.68
N SER F 299 0.27 17.24 25.32
CA SER F 299 0.71 17.32 23.94
C SER F 299 0.88 15.93 23.32
N PHE F 300 0.41 15.76 22.09
CA PHE F 300 0.56 14.50 21.36
C PHE F 300 1.07 14.71 19.95
N GLU F 301 1.72 13.68 19.41
CA GLU F 301 2.18 13.69 18.03
C GLU F 301 0.97 13.40 17.14
N GLY F 302 0.82 14.15 16.05
CA GLY F 302 -0.31 13.97 15.17
C GLY F 302 -1.63 14.22 15.86
N ASP F 303 -2.61 13.36 15.57
CA ASP F 303 -3.95 13.53 16.13
C ASP F 303 -4.05 13.04 17.57
N PRO F 304 -4.84 13.75 18.38
CA PRO F 304 -5.01 13.43 19.79
C PRO F 304 -5.78 12.13 20.02
N PRO F 305 -5.68 11.52 21.19
CA PRO F 305 -6.51 10.36 21.50
C PRO F 305 -7.97 10.81 21.61
N THR F 306 -8.91 9.88 21.44
CA THR F 306 -10.32 10.19 21.58
C THR F 306 -10.93 9.22 22.59
N PHE F 307 -12.21 9.37 22.86
CA PHE F 307 -12.84 8.55 23.89
C PHE F 307 -12.67 7.07 23.60
N HIS F 308 -12.82 6.71 22.34
CA HIS F 308 -12.67 5.33 21.91
C HIS F 308 -11.34 4.70 22.33
N GLU F 309 -10.33 5.54 22.55
CA GLU F 309 -9.00 5.01 22.87
C GLU F 309 -8.93 4.40 24.26
N LEU F 310 -9.98 4.60 25.04
CA LEU F 310 -10.05 3.99 26.36
C LEU F 310 -10.21 2.49 26.21
N ARG F 311 -10.80 2.06 25.10
CA ARG F 311 -10.94 0.64 24.81
C ARG F 311 -9.58 -0.03 24.68
N SER F 312 -8.71 0.55 23.85
CA SER F 312 -7.38 -0.01 23.67
C SER F 312 -6.64 0.03 24.99
N LEU F 313 -6.78 1.13 25.72
CA LEU F 313 -6.12 1.25 27.01
C LEU F 313 -6.60 0.16 27.94
N SER F 314 -7.91 -0.09 27.92
CA SER F 314 -8.48 -1.15 28.71
C SER F 314 -7.83 -2.46 28.31
N ALA F 315 -7.92 -2.80 27.04
CA ALA F 315 -7.35 -4.05 26.57
C ALA F 315 -5.89 -4.17 26.99
N ARG F 316 -5.09 -3.14 26.73
CA ARG F 316 -3.66 -3.21 27.01
C ARG F 316 -3.42 -3.37 28.50
N LEU F 317 -4.27 -2.73 29.29
CA LEU F 317 -4.13 -2.77 30.73
C LEU F 317 -4.48 -4.14 31.29
N TYR F 318 -5.52 -4.74 30.71
CA TYR F 318 -5.97 -6.06 31.12
C TYR F 318 -5.06 -7.12 30.52
N GLU F 319 -4.35 -6.76 29.45
CA GLU F 319 -3.36 -7.65 28.86
C GLU F 319 -2.33 -7.97 29.92
N LYS F 320 -1.70 -6.92 30.45
CA LYS F 320 -0.63 -7.07 31.44
C LYS F 320 -1.11 -7.52 32.84
N GLN F 321 -2.22 -6.98 33.30
CA GLN F 321 -2.76 -7.38 34.61
C GLN F 321 -3.32 -8.80 34.61
N ILE F 322 -4.11 -9.15 33.60
CA ILE F 322 -4.69 -10.48 33.57
C ILE F 322 -4.09 -11.33 32.47
N SER F 323 -4.62 -11.21 31.26
CA SER F 323 -4.16 -12.06 30.17
C SER F 323 -4.64 -11.59 28.82
N ASP F 324 -3.88 -11.98 27.79
CA ASP F 324 -4.26 -11.74 26.41
C ASP F 324 -5.68 -12.24 26.19
N LYS F 325 -5.93 -13.51 26.54
CA LYS F 325 -7.22 -14.13 26.30
C LYS F 325 -8.35 -13.37 26.95
N PHE F 326 -8.19 -13.04 28.22
CA PHE F 326 -9.22 -12.26 28.88
C PHE F 326 -9.51 -11.02 28.04
N ALA F 327 -8.47 -10.24 27.74
CA ALA F 327 -8.64 -8.98 27.02
C ALA F 327 -9.39 -9.21 25.73
N GLN F 328 -9.01 -10.25 25.03
CA GLN F 328 -9.65 -10.56 23.77
C GLN F 328 -11.11 -10.92 24.02
N HIS F 329 -11.40 -11.66 25.08
CA HIS F 329 -12.79 -12.03 25.30
C HIS F 329 -13.61 -10.81 25.68
N LEU F 330 -13.06 -10.00 26.58
CA LEU F 330 -13.77 -8.83 27.09
C LEU F 330 -14.15 -7.86 25.99
N LEU F 331 -13.30 -7.89 24.87
CA LEU F 331 -13.60 -6.98 23.79
C LEU F 331 -14.55 -7.57 22.78
N GLY F 332 -14.58 -8.90 22.71
CA GLY F 332 -15.43 -9.63 21.78
C GLY F 332 -14.90 -9.80 20.38
N HIS F 333 -13.65 -10.20 20.27
CA HIS F 333 -13.04 -10.41 18.99
C HIS F 333 -12.94 -11.88 18.77
N LYS F 334 -13.72 -12.38 17.82
CA LYS F 334 -13.62 -13.77 17.42
C LYS F 334 -12.28 -13.98 16.71
N SER F 335 -11.85 -12.96 15.97
CA SER F 335 -10.58 -12.97 15.24
C SER F 335 -9.39 -12.51 16.08
N ASP F 336 -8.20 -13.04 15.80
CA ASP F 336 -6.99 -12.59 16.49
C ASP F 336 -6.35 -11.34 15.82
N THR F 337 -6.66 -11.16 14.52
CA THR F 337 -6.18 -10.00 13.75
C THR F 337 -6.54 -8.67 14.45
N MET F 338 -7.74 -8.61 15.01
CA MET F 338 -8.19 -7.43 15.72
C MET F 338 -7.51 -7.29 17.07
N ALA F 339 -7.49 -8.38 17.83
CA ALA F 339 -6.89 -8.39 19.17
C ALA F 339 -5.41 -8.01 19.15
N SER F 340 -4.69 -8.55 18.16
CA SER F 340 -3.27 -8.22 17.98
C SER F 340 -3.11 -6.81 17.42
N GLN F 341 -4.23 -6.16 17.11
CA GLN F 341 -4.20 -4.77 16.68
C GLN F 341 -4.47 -3.79 17.80
N PTR F 342 -5.29 -4.17 18.78
CA PTR F 342 -5.43 -3.35 19.98
C PTR F 342 -4.20 -3.48 20.88
O PTR F 342 -3.89 -2.58 21.66
CB PTR F 342 -6.71 -3.70 20.76
CG PTR F 342 -7.94 -3.37 19.95
CD1 PTR F 342 -8.39 -4.27 18.99
CD2 PTR F 342 -8.61 -2.15 20.09
CE1 PTR F 342 -9.48 -3.97 18.21
CE2 PTR F 342 -9.71 -1.83 19.30
CZ PTR F 342 -10.14 -2.76 18.35
OH PTR F 342 -11.20 -2.49 17.54
N ARG F 343 -3.47 -4.61 20.74
CA ARG F 343 -2.17 -4.83 21.38
C ARG F 343 -1.10 -3.89 20.81
N ASP F 344 -1.40 -3.22 19.69
CA ASP F 344 -0.48 -2.28 19.06
C ASP F 344 -0.35 -0.98 19.84
N ASP F 345 0.89 -0.56 20.05
CA ASP F 345 1.15 0.64 20.84
C ASP F 345 1.21 1.93 20.00
N ARG F 346 1.40 1.78 18.69
CA ARG F 346 1.48 2.90 17.73
C ARG F 346 2.53 3.98 18.07
N GLY F 347 3.76 3.55 18.39
CA GLY F 347 4.90 4.44 18.62
C GLY F 347 5.04 5.05 20.00
N ARG F 348 4.13 4.73 20.89
CA ARG F 348 4.18 5.32 22.23
C ARG F 348 5.15 4.58 23.13
N GLU F 349 4.90 3.27 23.29
CA GLU F 349 5.62 2.45 24.27
C GLU F 349 6.59 1.40 23.71
N TRP F 350 7.69 1.24 24.46
CA TRP F 350 8.78 0.33 24.16
C TRP F 350 8.46 -1.04 24.72
N ASP F 351 8.51 -2.05 23.87
CA ASP F 351 8.19 -3.40 24.27
C ASP F 351 9.35 -4.03 25.00
N LYS F 352 9.29 -3.99 26.32
CA LYS F 352 10.36 -4.53 27.17
C LYS F 352 10.41 -6.03 27.07
N ILE F 353 11.55 -6.49 26.60
CA ILE F 353 11.77 -7.90 26.35
C ILE F 353 12.18 -8.63 27.61
N GLU F 354 11.30 -9.53 28.01
CA GLU F 354 11.53 -10.36 29.17
C GLU F 354 12.11 -11.69 28.75
N ILE F 355 12.92 -12.26 29.63
CA ILE F 355 13.54 -13.57 29.42
C ILE F 355 12.58 -14.66 29.87
N LYS F 356 11.45 -14.79 29.19
CA LYS F 356 10.39 -15.74 29.58
C LYS F 356 10.23 -16.87 28.57
N HIS G 7 -1.20 6.39 -56.96
CA HIS G 7 -0.58 6.32 -58.29
C HIS G 7 -1.03 5.10 -59.03
N GLU G 8 -1.63 5.32 -60.19
CA GLU G 8 -2.07 4.18 -60.95
C GLU G 8 -2.89 4.42 -62.20
N ARG G 9 -3.29 3.26 -62.68
CA ARG G 9 -4.37 3.05 -63.61
C ARG G 9 -5.01 1.75 -63.13
N ARG G 10 -5.49 1.73 -61.89
CA ARG G 10 -6.02 0.50 -61.28
C ARG G 10 -7.14 0.68 -60.25
N ASP G 11 -8.03 -0.30 -60.27
CA ASP G 11 -9.11 -0.42 -59.32
C ASP G 11 -8.51 -1.06 -58.12
N LEU G 12 -7.22 -1.29 -58.21
CA LEU G 12 -6.55 -1.95 -57.12
C LEU G 12 -6.73 -1.14 -55.87
N PRO G 13 -7.29 -1.77 -54.86
CA PRO G 13 -7.37 -1.19 -53.53
C PRO G 13 -5.97 -1.20 -52.92
N PRO G 14 -5.76 -0.49 -51.82
CA PRO G 14 -4.44 -0.41 -51.20
C PRO G 14 -3.94 -1.80 -50.80
N ASN G 15 -2.66 -1.93 -50.47
CA ASN G 15 -2.08 -3.19 -50.02
C ASN G 15 -2.07 -4.34 -50.99
N LEU G 16 -2.56 -4.17 -52.22
CA LEU G 16 -2.58 -5.29 -53.15
C LEU G 16 -1.80 -4.92 -54.36
N TYR G 17 -0.75 -5.64 -54.59
CA TYR G 17 0.06 -5.33 -55.75
C TYR G 17 -0.06 -6.40 -56.82
N ILE G 18 0.16 -5.98 -58.09
CA ILE G 18 0.09 -6.86 -59.28
C ILE G 18 1.48 -7.10 -59.83
N ARG G 19 1.80 -8.37 -60.14
CA ARG G 19 3.11 -8.73 -60.66
C ARG G 19 3.14 -8.74 -62.18
N ASN G 20 4.33 -8.78 -62.76
CA ASN G 20 4.51 -8.68 -64.20
C ASN G 20 3.75 -9.70 -65.04
N ASN G 21 3.40 -10.81 -64.41
CA ASN G 21 2.61 -11.82 -65.11
C ASN G 21 1.12 -11.56 -64.95
N GLY G 22 0.80 -10.69 -64.00
CA GLY G 22 -0.58 -10.44 -63.64
C GLY G 22 -0.94 -11.23 -62.40
N TYR G 23 0.05 -11.54 -61.53
CA TYR G 23 -0.17 -12.19 -60.27
C TYR G 23 -0.46 -11.14 -59.20
N TYR G 24 -1.63 -11.26 -58.58
CA TYR G 24 -1.99 -10.38 -57.48
C TYR G 24 -1.57 -10.92 -56.13
N CYS G 25 -0.95 -10.05 -55.33
CA CYS G 25 -0.65 -10.40 -53.94
C CYS G 25 -0.98 -9.25 -52.99
N TYR G 26 -1.38 -9.63 -51.79
CA TYR G 26 -1.69 -8.67 -50.75
C TYR G 26 -0.43 -8.51 -50.00
N ARG G 27 -0.21 -7.35 -49.48
CA ARG G 27 0.99 -7.17 -48.73
C ARG G 27 0.54 -6.73 -47.38
N ASP G 28 0.87 -7.53 -46.40
CA ASP G 28 0.63 -7.13 -45.03
C ASP G 28 1.58 -5.99 -44.78
N PRO G 29 1.08 -4.89 -44.25
CA PRO G 29 1.94 -3.72 -44.01
C PRO G 29 2.68 -3.82 -42.67
N ARG G 30 2.21 -4.68 -41.79
CA ARG G 30 2.79 -4.84 -40.46
C ARG G 30 4.08 -5.63 -40.56
N THR G 31 4.06 -6.69 -41.35
CA THR G 31 5.22 -7.53 -41.56
C THR G 31 5.97 -7.05 -42.79
N GLY G 32 5.23 -6.60 -43.80
CA GLY G 32 5.83 -6.19 -45.05
C GLY G 32 5.99 -7.37 -45.99
N LYS G 33 5.73 -8.58 -45.48
CA LYS G 33 5.78 -9.75 -46.34
C LYS G 33 4.45 -9.80 -47.09
N GLU G 34 4.48 -10.19 -48.39
CA GLU G 34 3.25 -10.22 -49.20
C GLU G 34 2.58 -11.61 -49.17
N PHE G 35 1.38 -11.70 -49.74
CA PHE G 35 0.61 -12.94 -49.77
C PHE G 35 0.03 -13.21 -51.15
N GLY G 36 0.07 -14.47 -51.55
CA GLY G 36 -0.40 -14.83 -52.88
C GLY G 36 -1.88 -15.04 -52.92
N LEU G 37 -2.52 -14.52 -53.98
CA LEU G 37 -3.96 -14.60 -54.11
C LEU G 37 -4.39 -15.42 -55.31
N GLY G 38 -3.78 -15.12 -56.45
CA GLY G 38 -4.06 -15.84 -57.69
C GLY G 38 -4.08 -14.85 -58.81
N ARG G 39 -4.72 -15.18 -59.93
CA ARG G 39 -4.84 -14.25 -61.06
C ARG G 39 -6.24 -13.65 -61.20
N ASP G 40 -7.16 -14.15 -60.38
CA ASP G 40 -8.56 -13.71 -60.45
C ASP G 40 -8.73 -12.39 -59.71
N ARG G 41 -8.52 -11.27 -60.45
CA ARG G 41 -8.52 -9.94 -59.85
C ARG G 41 -9.78 -9.66 -59.07
N ARG G 42 -10.91 -10.15 -59.55
CA ARG G 42 -12.20 -9.95 -58.90
C ARG G 42 -12.14 -10.54 -57.51
N ILE G 43 -11.66 -11.78 -57.42
CA ILE G 43 -11.57 -12.44 -56.13
C ILE G 43 -10.49 -11.78 -55.30
N ALA G 44 -9.38 -11.43 -55.93
CA ALA G 44 -8.21 -10.88 -55.24
C ALA G 44 -8.58 -9.64 -54.51
N ILE G 45 -9.07 -8.67 -55.25
CA ILE G 45 -9.43 -7.43 -54.63
C ILE G 45 -10.43 -7.70 -53.54
N THR G 46 -11.45 -8.52 -53.85
CA THR G 46 -12.49 -8.83 -52.88
C THR G 46 -11.92 -9.15 -51.50
N GLU G 47 -10.99 -10.09 -51.45
CA GLU G 47 -10.39 -10.49 -50.17
C GLU G 47 -9.50 -9.41 -49.61
N ALA G 48 -8.85 -8.67 -50.48
CA ALA G 48 -8.01 -7.57 -50.04
C ALA G 48 -8.84 -6.53 -49.28
N ILE G 49 -10.03 -6.21 -49.80
CA ILE G 49 -10.89 -5.25 -49.15
C ILE G 49 -11.22 -5.75 -47.74
N GLN G 50 -11.70 -6.98 -47.66
CA GLN G 50 -11.99 -7.65 -46.39
C GLN G 50 -10.83 -7.60 -45.39
N ALA G 51 -9.61 -7.77 -45.90
CA ALA G 51 -8.38 -7.71 -45.09
C ALA G 51 -8.03 -6.28 -44.73
N ASN G 52 -8.37 -5.35 -45.61
CA ASN G 52 -8.13 -3.96 -45.33
C ASN G 52 -9.08 -3.49 -44.24
N ILE G 53 -10.32 -4.01 -44.23
CA ILE G 53 -11.27 -3.68 -43.17
C ILE G 53 -10.79 -4.16 -41.80
N GLU G 54 -10.15 -5.31 -41.76
CA GLU G 54 -9.61 -5.83 -40.50
C GLU G 54 -8.43 -5.01 -39.96
N LEU G 55 -7.71 -4.35 -40.85
CA LEU G 55 -6.53 -3.60 -40.47
C LEU G 55 -6.82 -2.18 -40.16
N PHE G 56 -6.58 -1.58 -41.50
CA PHE G 56 -6.89 -0.17 -41.42
C PHE G 56 -8.37 -0.03 -41.77
N SER G 57 -9.26 -0.33 -40.82
CA SER G 57 -10.69 -0.06 -41.05
C SER G 57 -10.78 1.39 -41.59
N GLY G 58 -11.30 1.63 -42.82
CA GLY G 58 -11.36 2.97 -43.46
C GLY G 58 -10.05 3.58 -44.02
N HIS G 59 -9.78 4.81 -43.55
CA HIS G 59 -8.57 5.62 -43.82
C HIS G 59 -8.76 7.02 -43.21
N LYS G 60 -10.02 7.39 -43.00
CA LYS G 60 -10.40 8.71 -42.52
C LYS G 60 -10.39 8.82 -41.01
N HIS G 61 -10.14 10.05 -40.59
CA HIS G 61 -10.17 10.46 -39.20
C HIS G 61 -10.63 11.91 -39.17
N LYS G 62 -11.90 12.12 -38.84
CA LYS G 62 -12.35 13.48 -38.61
C LYS G 62 -11.35 14.05 -37.62
N PRO G 63 -10.82 15.25 -37.86
CA PRO G 63 -9.88 15.82 -36.89
C PRO G 63 -10.52 15.79 -35.51
N LEU G 64 -11.79 15.39 -35.48
CA LEU G 64 -12.50 15.07 -34.25
C LEU G 64 -11.82 13.86 -33.60
N THR G 65 -11.50 12.86 -34.42
CA THR G 65 -10.75 11.70 -33.97
C THR G 65 -9.35 12.10 -33.50
N ALA G 66 -8.91 13.28 -33.90
CA ALA G 66 -7.72 13.90 -33.34
C ALA G 66 -7.94 14.23 -31.87
N ARG G 67 -9.10 14.80 -31.54
CA ARG G 67 -9.48 15.11 -30.16
C ARG G 67 -9.55 13.86 -29.28
N ILE G 68 -9.52 12.69 -29.91
CA ILE G 68 -9.56 11.41 -29.22
C ILE G 68 -8.17 10.79 -29.01
N ASN G 69 -7.50 10.45 -30.11
CA ASN G 69 -6.17 9.84 -30.04
C ASN G 69 -5.08 10.79 -29.51
N SER G 70 -5.43 12.07 -29.36
CA SER G 70 -4.50 13.07 -28.84
C SER G 70 -4.07 12.73 -27.41
N ASP G 71 -5.01 12.87 -26.46
CA ASP G 71 -4.78 12.59 -25.04
C ASP G 71 -4.24 11.17 -24.83
N ASN G 72 -3.79 10.55 -25.93
CA ASN G 72 -3.35 9.16 -25.94
C ASN G 72 -1.87 8.95 -26.22
N SER G 73 -1.32 9.67 -27.19
CA SER G 73 0.02 9.34 -27.68
C SER G 73 1.17 9.79 -26.79
N VAL G 74 1.86 8.82 -26.18
CA VAL G 74 3.07 9.10 -25.39
C VAL G 74 4.10 7.97 -25.49
N THR G 75 5.36 8.23 -25.14
CA THR G 75 6.41 7.25 -25.38
C THR G 75 6.94 6.64 -24.10
N LEU G 76 7.39 5.39 -24.16
CA LEU G 76 7.86 4.72 -22.94
C LEU G 76 8.84 5.54 -22.12
N HIS G 77 9.88 6.09 -22.75
CA HIS G 77 10.88 6.85 -22.01
C HIS G 77 10.35 8.20 -21.58
N SER G 78 9.54 8.83 -22.43
CA SER G 78 8.94 10.12 -22.10
C SER G 78 7.98 9.89 -20.94
N TRP G 79 7.47 8.66 -20.84
CA TRP G 79 6.57 8.28 -19.78
C TRP G 79 7.36 7.93 -18.51
N LEU G 80 8.41 7.15 -18.67
CA LEU G 80 9.24 6.81 -17.54
C LEU G 80 9.67 8.12 -16.90
N ASP G 81 10.00 9.10 -17.74
CA ASP G 81 10.36 10.43 -17.25
C ASP G 81 9.26 10.97 -16.33
N ARG G 82 8.02 10.90 -16.79
CA ARG G 82 6.88 11.37 -16.00
C ARG G 82 6.66 10.48 -14.76
N TYR G 83 6.75 9.16 -14.96
CA TYR G 83 6.57 8.20 -13.88
C TYR G 83 7.50 8.43 -12.71
N GLU G 84 8.71 8.87 -13.01
CA GLU G 84 9.70 9.19 -11.99
C GLU G 84 9.15 10.26 -11.07
N LYS G 85 8.77 11.39 -11.66
CA LYS G 85 8.21 12.49 -10.88
C LYS G 85 7.05 12.01 -10.02
N ILE G 86 6.24 11.09 -10.55
CA ILE G 86 5.14 10.54 -9.77
C ILE G 86 5.70 9.90 -8.53
N LEU G 87 6.64 8.98 -8.72
CA LEU G 87 7.22 8.28 -7.60
C LEU G 87 7.79 9.26 -6.58
N ALA G 88 8.29 10.39 -7.08
CA ALA G 88 8.88 11.40 -6.21
C ALA G 88 7.84 12.00 -5.27
N SER G 89 6.58 12.00 -5.66
CA SER G 89 5.51 12.52 -4.81
C SER G 89 4.85 11.48 -3.94
N ARG G 90 5.22 10.22 -4.16
CA ARG G 90 4.63 9.11 -3.43
C ARG G 90 4.87 9.11 -1.92
N GLY G 91 5.95 9.75 -1.49
CA GLY G 91 6.26 9.81 -0.07
C GLY G 91 6.78 8.48 0.42
N ILE G 92 7.94 8.11 -0.12
CA ILE G 92 8.58 6.86 0.25
C ILE G 92 9.98 7.18 0.70
N LYS G 93 10.56 6.26 1.45
CA LYS G 93 11.88 6.47 1.98
C LYS G 93 12.93 6.50 0.87
N GLN G 94 13.93 7.34 1.08
CA GLN G 94 15.02 7.51 0.14
C GLN G 94 15.48 6.21 -0.47
N LYS G 95 15.82 5.24 0.37
CA LYS G 95 16.32 3.96 -0.11
C LYS G 95 15.37 3.29 -1.13
N THR G 96 14.10 3.18 -0.74
CA THR G 96 13.07 2.65 -1.62
C THR G 96 13.10 3.32 -2.99
N LEU G 97 12.98 4.64 -2.99
CA LEU G 97 12.97 5.38 -4.23
C LEU G 97 14.19 4.95 -5.03
N ILE G 98 15.32 4.77 -4.35
CA ILE G 98 16.53 4.40 -5.06
C ILE G 98 16.35 3.05 -5.73
N ASN G 99 15.80 2.09 -5.00
CA ASN G 99 15.54 0.76 -5.56
C ASN G 99 14.72 0.87 -6.82
N TYR G 100 13.69 1.72 -6.77
CA TYR G 100 12.82 1.94 -7.90
C TYR G 100 13.53 2.58 -9.09
N MET G 101 14.20 3.69 -8.84
CA MET G 101 14.87 4.36 -9.92
C MET G 101 15.75 3.37 -10.68
N SER G 102 16.39 2.48 -9.95
CA SER G 102 17.26 1.51 -10.58
C SER G 102 16.49 0.63 -11.53
N LYS G 103 15.34 0.13 -11.10
CA LYS G 103 14.58 -0.75 -11.97
C LYS G 103 14.13 0.00 -13.21
N ILE G 104 13.71 1.25 -13.04
CA ILE G 104 13.38 2.03 -14.19
C ILE G 104 14.57 2.00 -15.15
N LYS G 105 15.76 2.33 -14.65
CA LYS G 105 16.93 2.38 -15.51
C LYS G 105 17.10 1.10 -16.30
N ALA G 106 16.85 -0.02 -15.66
CA ALA G 106 16.95 -1.30 -16.35
C ALA G 106 15.94 -1.31 -17.50
N ILE G 107 14.74 -0.80 -17.23
CA ILE G 107 13.72 -0.77 -18.25
C ILE G 107 14.20 0.11 -19.37
N ARG G 108 14.73 1.28 -19.04
CA ARG G 108 15.23 2.20 -20.06
C ARG G 108 16.28 1.58 -20.97
N ARG G 109 17.13 0.73 -20.42
CA ARG G 109 18.12 0.07 -21.24
C ARG G 109 17.58 -1.20 -21.87
N GLY G 110 16.42 -1.66 -21.42
CA GLY G 110 15.87 -2.92 -21.92
C GLY G 110 14.83 -2.80 -23.01
N LEU G 111 14.17 -1.66 -23.10
CA LEU G 111 13.10 -1.49 -24.05
C LEU G 111 13.30 -0.26 -24.92
N PRO G 112 12.77 -0.30 -26.14
CA PRO G 112 12.85 0.83 -27.06
C PRO G 112 11.96 1.96 -26.56
N ASP G 113 12.25 3.18 -27.01
CA ASP G 113 11.42 4.32 -26.66
C ASP G 113 10.33 4.45 -27.71
N ALA G 114 9.44 3.45 -27.73
CA ALA G 114 8.35 3.42 -28.67
C ALA G 114 7.11 3.97 -27.98
N PRO G 115 6.02 4.11 -28.71
CA PRO G 115 4.74 4.53 -28.11
C PRO G 115 4.22 3.44 -27.21
N LEU G 116 3.82 3.78 -26.00
CA LEU G 116 3.34 2.80 -25.03
C LEU G 116 2.46 1.73 -25.66
N GLU G 117 1.44 2.21 -26.38
CA GLU G 117 0.45 1.37 -27.04
C GLU G 117 1.07 0.26 -27.88
N ASP G 118 2.22 0.54 -28.49
CA ASP G 118 2.88 -0.43 -29.35
C ASP G 118 3.81 -1.41 -28.60
N ILE G 119 3.96 -1.26 -27.28
CA ILE G 119 4.90 -2.12 -26.55
C ILE G 119 4.26 -3.46 -26.20
N THR G 120 4.81 -4.51 -26.81
CA THR G 120 4.28 -5.86 -26.71
C THR G 120 4.61 -6.63 -25.45
N THR G 121 3.67 -7.47 -25.05
CA THR G 121 3.91 -8.42 -23.99
C THR G 121 5.15 -9.22 -24.38
N LYS G 122 5.19 -9.66 -25.64
CA LYS G 122 6.30 -10.44 -26.17
C LYS G 122 7.64 -9.74 -25.95
N GLU G 123 7.67 -8.42 -26.16
CA GLU G 123 8.88 -7.64 -25.97
C GLU G 123 9.28 -7.66 -24.51
N ILE G 124 8.34 -7.31 -23.64
CA ILE G 124 8.57 -7.26 -22.20
C ILE G 124 9.16 -8.57 -21.72
N ALA G 125 8.49 -9.65 -22.07
CA ALA G 125 8.92 -10.97 -21.63
C ALA G 125 10.34 -11.19 -22.11
N ALA G 126 10.59 -10.90 -23.39
CA ALA G 126 11.92 -11.02 -23.94
C ALA G 126 12.95 -10.36 -23.01
N MET G 127 12.67 -9.13 -22.55
CA MET G 127 13.62 -8.45 -21.65
C MET G 127 13.71 -9.21 -20.37
N LEU G 128 12.56 -9.40 -19.74
CA LEU G 128 12.46 -10.11 -18.49
C LEU G 128 13.19 -11.45 -18.51
N ASN G 129 13.08 -12.17 -19.63
CA ASN G 129 13.76 -13.44 -19.76
C ASN G 129 15.26 -13.24 -19.87
N GLY G 130 15.66 -12.14 -20.50
CA GLY G 130 17.05 -11.78 -20.55
C GLY G 130 17.67 -11.84 -19.16
N TYR G 131 16.97 -11.28 -18.17
CA TYR G 131 17.46 -11.25 -16.80
C TYR G 131 17.44 -12.62 -16.18
N ILE G 132 16.35 -13.36 -16.40
CA ILE G 132 16.27 -14.70 -15.84
C ILE G 132 17.41 -15.58 -16.35
N ASP G 133 17.68 -15.55 -17.65
CA ASP G 133 18.71 -16.41 -18.23
C ASP G 133 20.12 -16.11 -17.71
N GLU G 134 20.37 -14.88 -17.30
CA GLU G 134 21.63 -14.56 -16.64
C GLU G 134 21.55 -14.88 -15.14
N GLY G 135 20.48 -15.55 -14.71
CA GLY G 135 20.33 -15.99 -13.32
C GLY G 135 19.96 -14.88 -12.35
N LYS G 136 19.59 -13.73 -12.89
CA LYS G 136 19.23 -12.57 -12.09
C LYS G 136 17.73 -12.53 -11.87
N ALA G 137 17.18 -13.69 -11.56
CA ALA G 137 15.75 -13.85 -11.46
C ALA G 137 15.16 -12.80 -10.53
N ALA G 138 15.82 -12.64 -9.39
CA ALA G 138 15.36 -11.71 -8.38
C ALA G 138 15.06 -10.37 -9.04
N SER G 139 16.04 -9.92 -9.81
CA SER G 139 15.89 -8.66 -10.45
C SER G 139 14.69 -8.75 -11.36
N ALA G 140 14.54 -9.88 -12.04
CA ALA G 140 13.52 -9.95 -13.07
C ALA G 140 12.17 -9.64 -12.46
N LYS G 141 11.95 -10.21 -11.30
CA LYS G 141 10.72 -10.01 -10.58
C LYS G 141 10.45 -8.55 -10.33
N LEU G 142 11.45 -7.87 -9.76
CA LEU G 142 11.29 -6.47 -9.35
C LEU G 142 11.12 -5.51 -10.52
N ILE G 143 11.85 -5.81 -11.59
CA ILE G 143 11.78 -5.00 -12.78
C ILE G 143 10.38 -5.17 -13.32
N ARG G 144 9.94 -6.42 -13.43
CA ARG G 144 8.60 -6.71 -13.89
C ARG G 144 7.60 -5.90 -13.07
N SER G 145 7.77 -6.00 -11.75
CA SER G 145 6.90 -5.36 -10.80
C SER G 145 6.78 -3.88 -11.08
N THR G 146 7.91 -3.20 -11.19
CA THR G 146 7.92 -1.76 -11.43
C THR G 146 7.37 -1.38 -12.82
N LEU G 147 7.77 -2.13 -13.83
CA LEU G 147 7.24 -1.93 -15.15
C LEU G 147 5.73 -1.89 -15.05
N SER G 148 5.15 -2.90 -14.40
CA SER G 148 3.72 -3.00 -14.23
C SER G 148 3.16 -1.75 -13.58
N ASP G 149 3.83 -1.25 -12.56
CA ASP G 149 3.35 -0.05 -11.88
C ASP G 149 3.31 1.17 -12.79
N ALA G 150 4.40 1.40 -13.52
CA ALA G 150 4.42 2.49 -14.50
C ALA G 150 3.26 2.44 -15.50
N PHE G 151 3.06 1.27 -16.08
CA PHE G 151 1.97 1.06 -17.01
C PHE G 151 0.61 1.39 -16.39
N ARG G 152 0.39 0.91 -15.18
CA ARG G 152 -0.85 1.22 -14.49
C ARG G 152 -1.03 2.72 -14.57
N GLU G 153 -0.02 3.47 -14.13
CA GLU G 153 -0.14 4.92 -13.98
C GLU G 153 -0.47 5.56 -15.30
N ALA G 154 0.11 5.03 -16.36
CA ALA G 154 -0.20 5.54 -17.68
C ALA G 154 -1.66 5.26 -18.04
N ILE G 155 -2.18 4.11 -17.60
CA ILE G 155 -3.58 3.77 -17.84
C ILE G 155 -4.45 4.76 -17.11
N ALA G 156 -3.99 5.17 -15.94
CA ALA G 156 -4.75 6.10 -15.13
C ALA G 156 -4.88 7.38 -15.89
N GLU G 157 -3.78 7.84 -16.46
CA GLU G 157 -3.81 9.02 -17.30
C GLU G 157 -4.22 8.66 -18.74
N GLY G 158 -4.88 7.52 -18.88
CA GLY G 158 -5.48 7.12 -20.14
C GLY G 158 -4.55 7.16 -21.33
N HIS G 159 -3.26 7.03 -21.07
CA HIS G 159 -2.28 6.99 -22.13
C HIS G 159 -2.31 5.61 -22.77
N ILE G 160 -2.85 4.63 -22.04
CA ILE G 160 -3.08 3.30 -22.59
C ILE G 160 -4.37 2.75 -22.04
N THR G 161 -4.80 1.63 -22.61
CA THR G 161 -6.05 1.01 -22.22
C THR G 161 -5.75 -0.27 -21.46
N THR G 162 -4.70 -0.96 -21.87
CA THR G 162 -4.40 -2.26 -21.31
C THR G 162 -3.00 -2.30 -20.76
N ASN G 163 -2.82 -3.09 -19.70
CA ASN G 163 -1.50 -3.31 -19.09
C ASN G 163 -0.90 -4.62 -19.62
N HIS G 164 0.08 -4.49 -20.49
CA HIS G 164 0.59 -5.66 -21.16
C HIS G 164 1.55 -6.41 -20.27
N VAL G 165 1.87 -5.84 -19.13
CA VAL G 165 2.80 -6.47 -18.19
C VAL G 165 2.05 -7.57 -17.46
N ALA G 166 0.79 -7.29 -17.15
CA ALA G 166 -0.08 -8.17 -16.37
C ALA G 166 -0.09 -9.62 -16.85
N ALA G 167 -0.19 -9.83 -18.16
CA ALA G 167 -0.21 -11.17 -18.71
C ALA G 167 1.11 -11.94 -18.48
N THR G 168 2.17 -11.20 -18.23
CA THR G 168 3.43 -11.82 -18.00
C THR G 168 3.49 -12.30 -16.55
N ARG G 169 4.29 -13.31 -16.27
CA ARG G 169 4.35 -13.88 -14.92
C ARG G 169 5.61 -13.43 -14.19
N ALA G 170 5.55 -13.53 -12.86
CA ALA G 170 6.69 -13.22 -11.99
C ALA G 170 7.59 -14.45 -11.87
N ALA G 171 8.89 -14.25 -12.06
CA ALA G 171 9.82 -15.36 -11.94
C ALA G 171 10.04 -15.74 -10.48
N LYS G 172 9.88 -17.02 -10.17
CA LYS G 172 10.07 -17.50 -8.80
C LYS G 172 11.55 -17.83 -8.62
N SER G 173 12.11 -17.42 -7.49
CA SER G 173 13.54 -17.64 -7.22
C SER G 173 13.85 -18.01 -5.79
N LYS G 174 14.50 -19.21 -5.61
CA LYS G 174 14.91 -19.72 -4.31
C LYS G 174 16.14 -18.96 -3.81
N VAL G 175 16.09 -18.56 -2.54
CA VAL G 175 17.20 -17.85 -1.91
C VAL G 175 18.37 -18.78 -2.03
N ARG G 176 19.47 -18.19 -2.41
CA ARG G 176 20.70 -18.93 -2.56
C ARG G 176 21.55 -18.92 -1.29
N ARG G 177 21.74 -17.72 -0.72
CA ARG G 177 22.60 -17.46 0.44
C ARG G 177 22.54 -18.51 1.56
N SER G 178 23.71 -19.01 1.95
CA SER G 178 23.79 -20.06 2.93
C SER G 178 23.72 -19.50 4.35
N ARG G 179 23.40 -20.36 5.32
CA ARG G 179 23.34 -19.95 6.72
C ARG G 179 24.68 -20.07 7.44
N LEU G 180 24.75 -19.54 8.65
CA LEU G 180 25.99 -19.54 9.41
C LEU G 180 25.87 -20.34 10.69
N THR G 181 26.68 -21.39 10.82
CA THR G 181 26.65 -22.26 12.00
C THR G 181 27.57 -21.73 13.08
N ALA G 182 27.30 -22.10 14.33
CA ALA G 182 28.06 -21.58 15.45
C ALA G 182 29.54 -21.86 15.26
N ASP G 183 29.87 -23.07 14.81
CA ASP G 183 31.26 -23.45 14.58
C ASP G 183 31.90 -22.49 13.59
N GLU G 184 31.14 -22.17 12.54
CA GLU G 184 31.62 -21.30 11.49
C GLU G 184 31.85 -19.91 12.01
N TYR G 185 30.88 -19.41 12.78
CA TYR G 185 31.04 -18.12 13.40
C TYR G 185 32.38 -18.10 14.13
N LEU G 186 32.56 -19.03 15.07
CA LEU G 186 33.82 -19.10 15.80
C LEU G 186 34.99 -19.01 14.84
N LYS G 187 34.94 -19.80 13.77
CA LYS G 187 36.06 -19.85 12.85
C LYS G 187 36.29 -18.50 12.20
N ILE G 188 35.21 -17.82 11.84
CA ILE G 188 35.33 -16.50 11.23
C ILE G 188 35.90 -15.52 12.24
N TYR G 189 35.37 -15.56 13.45
CA TYR G 189 35.85 -14.71 14.52
C TYR G 189 37.36 -14.82 14.63
N GLN G 190 37.87 -16.04 14.52
CA GLN G 190 39.30 -16.27 14.61
C GLN G 190 40.05 -15.56 13.49
N ALA G 191 39.50 -15.61 12.27
CA ALA G 191 40.16 -14.94 11.15
C ALA G 191 40.13 -13.43 11.36
N ALA G 192 39.19 -12.99 12.19
CA ALA G 192 38.99 -11.57 12.43
C ALA G 192 40.22 -10.88 12.99
N GLU G 193 41.15 -11.64 13.55
CA GLU G 193 42.29 -11.06 14.27
C GLU G 193 43.10 -10.03 13.49
N SER G 194 43.17 -10.19 12.18
CA SER G 194 43.86 -9.23 11.35
C SER G 194 43.02 -7.97 11.18
N SER G 195 41.71 -8.12 11.28
CA SER G 195 40.76 -7.02 11.08
C SER G 195 40.71 -6.08 12.27
N PRO G 196 40.04 -4.93 12.10
CA PRO G 196 39.89 -3.96 13.18
C PRO G 196 39.26 -4.54 14.44
N CYS G 197 39.44 -3.86 15.56
CA CYS G 197 38.92 -4.35 16.82
C CYS G 197 37.43 -4.34 16.80
N TRP G 198 36.87 -3.34 16.12
CA TRP G 198 35.43 -3.22 16.11
C TRP G 198 34.76 -4.41 15.43
N LEU G 199 35.37 -4.99 14.41
CA LEU G 199 34.73 -6.11 13.72
C LEU G 199 34.28 -7.19 14.68
N ARG G 200 35.21 -7.68 15.48
CA ARG G 200 34.85 -8.69 16.44
C ARG G 200 33.69 -8.19 17.27
N LEU G 201 33.87 -7.04 17.89
CA LEU G 201 32.88 -6.53 18.81
C LEU G 201 31.52 -6.47 18.11
N ALA G 202 31.55 -6.06 16.85
CA ALA G 202 30.35 -5.98 16.06
C ALA G 202 29.75 -7.37 15.93
N MET G 203 30.59 -8.35 15.57
CA MET G 203 30.12 -9.72 15.41
C MET G 203 29.44 -10.24 16.66
N GLU G 204 30.10 -10.04 17.78
CA GLU G 204 29.54 -10.48 19.04
C GLU G 204 28.22 -9.77 19.27
N LEU G 205 28.26 -8.44 19.22
CA LEU G 205 27.07 -7.64 19.49
C LEU G 205 25.93 -8.02 18.58
N ALA G 206 26.26 -8.27 17.32
CA ALA G 206 25.27 -8.68 16.35
C ALA G 206 24.57 -9.96 16.76
N VAL G 207 25.34 -10.91 17.30
CA VAL G 207 24.77 -12.21 17.64
C VAL G 207 23.99 -12.10 18.93
N VAL G 208 24.53 -11.36 19.88
CA VAL G 208 23.87 -11.27 21.15
C VAL G 208 22.60 -10.44 21.06
N THR G 209 22.55 -9.43 20.21
CA THR G 209 21.41 -8.53 20.23
C THR G 209 20.42 -8.83 19.14
N GLY G 210 20.86 -9.62 18.18
CA GLY G 210 20.03 -9.98 17.04
C GLY G 210 19.45 -8.85 16.19
N GLN G 211 20.13 -7.71 16.16
CA GLN G 211 19.62 -6.55 15.46
C GLN G 211 20.22 -6.48 14.06
N ARG G 212 19.56 -5.69 13.20
CA ARG G 212 20.02 -5.42 11.83
C ARG G 212 21.26 -4.55 11.82
N VAL G 213 22.18 -4.87 10.93
CA VAL G 213 23.43 -4.15 10.93
C VAL G 213 23.20 -2.65 10.90
N GLY G 214 22.20 -2.20 10.14
CA GLY G 214 21.89 -0.79 10.05
C GLY G 214 21.58 -0.19 11.42
N ASP G 215 20.84 -0.92 12.23
CA ASP G 215 20.52 -0.42 13.55
C ASP G 215 21.75 -0.49 14.47
N LEU G 216 22.52 -1.56 14.35
CA LEU G 216 23.71 -1.71 15.17
C LEU G 216 24.57 -0.47 15.07
N CYS G 217 25.01 -0.17 13.85
CA CYS G 217 25.81 1.01 13.57
C CYS G 217 25.29 2.32 14.13
N GLU G 218 24.01 2.37 14.53
CA GLU G 218 23.46 3.62 15.03
C GLU G 218 23.13 3.62 16.51
N MET G 219 23.37 2.51 17.18
CA MET G 219 23.24 2.52 18.64
C MET G 219 24.28 3.46 19.30
N LYS G 220 23.79 4.42 20.07
CA LYS G 220 24.63 5.33 20.83
C LYS G 220 24.63 4.94 22.30
N TRP G 221 25.64 5.34 23.05
CA TRP G 221 25.73 4.96 24.46
C TRP G 221 24.57 5.49 25.25
N SER G 222 24.00 6.60 24.77
CA SER G 222 22.83 7.19 25.40
C SER G 222 21.57 6.34 25.26
N ASP G 223 21.59 5.37 24.35
CA ASP G 223 20.48 4.46 24.19
C ASP G 223 20.48 3.39 25.28
N ILE G 224 21.39 3.47 26.23
CA ILE G 224 21.38 2.52 27.32
C ILE G 224 20.94 3.16 28.63
N VAL G 225 19.92 2.58 29.25
CA VAL G 225 19.39 3.11 30.50
C VAL G 225 18.90 1.96 31.39
N ASP G 226 19.32 2.03 32.66
CA ASP G 226 18.94 1.09 33.72
C ASP G 226 18.90 -0.38 33.29
N GLY G 227 19.98 -0.83 32.65
CA GLY G 227 20.06 -2.21 32.20
C GLY G 227 19.31 -2.51 30.91
N TYR G 228 18.97 -1.46 30.16
CA TYR G 228 18.23 -1.63 28.92
C TYR G 228 18.78 -0.84 27.74
N LEU G 229 18.92 -1.53 26.60
CA LEU G 229 19.38 -0.92 25.37
C LEU G 229 18.18 -0.68 24.50
N TYR G 230 17.90 0.59 24.27
CA TYR G 230 16.76 0.98 23.48
C TYR G 230 17.11 1.08 21.99
N VAL G 231 16.30 0.41 21.17
CA VAL G 231 16.51 0.38 19.73
C VAL G 231 15.21 0.66 19.06
N GLU G 232 15.17 1.70 18.23
CA GLU G 232 14.02 1.94 17.36
C GLU G 232 14.45 1.51 15.97
N GLN G 233 13.94 0.37 15.51
CA GLN G 233 14.40 -0.20 14.26
C GLN G 233 14.14 0.69 13.04
N SER G 234 15.19 0.98 12.29
CA SER G 234 15.11 1.85 11.14
C SER G 234 14.25 1.27 10.03
N LYS G 235 14.33 -0.04 9.84
CA LYS G 235 13.58 -0.66 8.76
C LYS G 235 12.08 -0.62 8.97
N THR G 236 11.64 -0.99 10.16
CA THR G 236 10.21 -1.20 10.41
C THR G 236 9.54 -0.23 11.40
N GLY G 237 10.31 0.52 12.16
CA GLY G 237 9.74 1.38 13.19
C GLY G 237 9.44 0.67 14.51
N VAL G 238 9.68 -0.64 14.56
CA VAL G 238 9.52 -1.39 15.81
C VAL G 238 10.42 -0.80 16.86
N LYS G 239 9.87 -0.64 18.06
CA LYS G 239 10.62 -0.08 19.18
C LYS G 239 10.84 -1.08 20.32
N ILE G 240 12.10 -1.41 20.60
CA ILE G 240 12.38 -2.41 21.60
C ILE G 240 13.42 -1.96 22.60
N ALA G 241 13.41 -2.61 23.76
CA ALA G 241 14.46 -2.38 24.74
C ALA G 241 15.07 -3.75 25.03
N ILE G 242 16.39 -3.86 24.85
CA ILE G 242 17.08 -5.12 25.08
C ILE G 242 17.77 -5.10 26.42
N PRO G 243 17.54 -6.13 27.22
CA PRO G 243 18.14 -6.21 28.55
C PRO G 243 19.61 -6.58 28.45
N THR G 244 20.46 -5.74 29.01
CA THR G 244 21.90 -5.87 28.82
C THR G 244 22.45 -7.05 29.58
N ALA G 245 21.64 -8.08 29.78
CA ALA G 245 22.06 -9.19 30.61
C ALA G 245 22.12 -10.48 29.80
N LEU G 246 21.74 -10.38 28.53
CA LEU G 246 21.71 -11.57 27.70
C LEU G 246 23.10 -12.22 27.62
N HIS G 247 23.12 -13.47 27.21
CA HIS G 247 24.33 -14.28 27.18
C HIS G 247 24.08 -15.46 26.24
N ILE G 248 24.86 -15.58 25.17
CA ILE G 248 24.73 -16.71 24.27
C ILE G 248 25.62 -17.84 24.77
N ASP G 249 25.00 -18.96 25.15
CA ASP G 249 25.71 -20.07 25.76
C ASP G 249 26.63 -20.83 24.82
N ALA G 250 26.14 -21.10 23.61
CA ALA G 250 26.89 -21.86 22.63
C ALA G 250 28.13 -21.13 22.11
N LEU G 251 28.15 -19.81 22.24
CA LEU G 251 29.29 -19.01 21.80
C LEU G 251 30.00 -18.26 22.91
N GLY G 252 29.51 -18.39 24.13
CA GLY G 252 30.15 -17.78 25.26
C GLY G 252 30.30 -16.28 25.09
N ILE G 253 29.18 -15.60 24.86
CA ILE G 253 29.20 -14.16 24.73
C ILE G 253 28.39 -13.53 25.86
N SER G 254 28.92 -12.46 26.43
CA SER G 254 28.19 -11.73 27.46
C SER G 254 27.89 -10.31 27.01
N MET G 255 26.61 -9.95 26.95
CA MET G 255 26.25 -8.65 26.41
C MET G 255 26.84 -7.52 27.23
N LYS G 256 26.90 -7.72 28.54
CA LYS G 256 27.52 -6.73 29.42
C LYS G 256 28.99 -6.63 29.07
N GLU G 257 29.66 -7.78 29.01
CA GLU G 257 31.09 -7.82 28.82
C GLU G 257 31.42 -7.22 27.48
N THR G 258 30.67 -7.64 26.46
CA THR G 258 30.91 -7.15 25.11
C THR G 258 30.71 -5.65 25.05
N LEU G 259 29.70 -5.15 25.74
CA LEU G 259 29.49 -3.71 25.73
C LEU G 259 30.69 -3.08 26.44
N ASP G 260 31.07 -3.66 27.57
CA ASP G 260 32.19 -3.12 28.35
C ASP G 260 33.42 -2.98 27.45
N LYS G 261 33.82 -4.08 26.82
CA LYS G 261 34.95 -4.02 25.91
C LYS G 261 34.75 -2.85 24.96
N CYS G 262 33.52 -2.66 24.50
CA CYS G 262 33.23 -1.58 23.56
C CYS G 262 33.58 -0.20 24.09
N LYS G 263 33.08 0.15 25.28
CA LYS G 263 33.31 1.51 25.75
C LYS G 263 34.79 1.77 26.05
N GLU G 264 35.51 0.77 26.57
CA GLU G 264 36.92 0.99 26.86
C GLU G 264 37.81 1.02 25.61
N ILE G 265 37.58 0.09 24.68
CA ILE G 265 38.42 -0.02 23.51
C ILE G 265 38.04 0.95 22.41
N LEU G 266 36.74 1.00 22.10
CA LEU G 266 36.26 1.77 20.96
C LEU G 266 36.17 3.26 21.21
N GLY G 267 35.57 3.65 22.33
CA GLY G 267 35.47 5.05 22.72
C GLY G 267 34.98 5.97 21.62
N GLY G 268 33.68 6.21 21.60
CA GLY G 268 33.07 7.06 20.60
C GLY G 268 31.63 7.25 21.01
N GLU G 269 30.89 8.09 20.30
CA GLU G 269 29.52 8.35 20.69
C GLU G 269 28.60 7.18 20.41
N THR G 270 28.98 6.34 19.45
CA THR G 270 28.20 5.14 19.14
C THR G 270 28.84 3.91 19.72
N ILE G 271 28.03 2.87 19.94
CA ILE G 271 28.51 1.69 20.67
C ILE G 271 29.55 0.99 19.84
N ILE G 272 29.25 0.86 18.55
CA ILE G 272 30.27 0.44 17.59
C ILE G 272 30.84 1.72 17.02
N ALA G 273 32.14 1.71 16.74
CA ALA G 273 32.78 2.92 16.24
C ALA G 273 34.05 2.62 15.49
N SER G 274 34.41 3.55 14.62
CA SER G 274 35.60 3.47 13.80
C SER G 274 36.82 3.69 14.67
N THR G 275 37.96 3.22 14.19
CA THR G 275 39.20 3.53 14.84
C THR G 275 39.22 5.04 15.06
N ARG G 276 38.92 5.82 14.03
CA ARG G 276 38.90 7.29 14.13
C ARG G 276 37.87 7.77 15.16
N ARG G 277 37.36 6.84 15.97
CA ARG G 277 36.41 7.16 17.02
C ARG G 277 35.11 7.79 16.50
N GLU G 278 34.77 7.53 15.23
CA GLU G 278 33.55 8.06 14.62
C GLU G 278 32.62 6.93 14.21
N PRO G 279 31.32 7.21 14.03
CA PRO G 279 30.34 6.19 13.64
C PRO G 279 30.67 5.48 12.34
N LEU G 280 30.28 4.21 12.23
CA LEU G 280 30.60 3.38 11.08
C LEU G 280 29.42 3.19 10.15
N SER G 281 29.70 3.02 8.85
CA SER G 281 28.66 2.74 7.87
C SER G 281 28.38 1.25 7.85
N SER G 282 27.11 0.90 7.61
CA SER G 282 26.67 -0.49 7.67
C SER G 282 27.34 -1.30 6.58
N GLY G 283 27.61 -0.62 5.47
CA GLY G 283 28.29 -1.26 4.36
C GLY G 283 29.66 -1.75 4.75
N THR G 284 30.34 -0.97 5.58
CA THR G 284 31.71 -1.27 5.94
C THR G 284 31.75 -2.46 6.87
N VAL G 285 30.86 -2.47 7.86
CA VAL G 285 30.78 -3.57 8.80
C VAL G 285 30.64 -4.82 7.98
N SER G 286 29.70 -4.81 7.05
CA SER G 286 29.45 -5.97 6.19
C SER G 286 30.69 -6.36 5.41
N ARG G 287 31.24 -5.38 4.72
CA ARG G 287 32.43 -5.56 3.91
C ARG G 287 33.54 -6.27 4.68
N TYR G 288 33.86 -5.77 5.88
CA TYR G 288 34.96 -6.33 6.63
C TYR G 288 34.70 -7.75 7.06
N PHE G 289 33.43 -8.05 7.32
CA PHE G 289 33.05 -9.36 7.76
C PHE G 289 33.35 -10.27 6.59
N MET G 290 33.00 -9.79 5.40
CA MET G 290 33.18 -10.54 4.19
C MET G 290 34.66 -10.85 4.02
N ARG G 291 35.50 -9.90 4.39
CA ARG G 291 36.95 -10.09 4.35
C ARG G 291 37.30 -11.29 5.21
N ALA G 292 36.90 -11.21 6.46
CA ALA G 292 37.17 -12.29 7.36
C ALA G 292 36.72 -13.62 6.75
N ARG G 293 35.47 -13.68 6.30
CA ARG G 293 34.91 -14.94 5.80
C ARG G 293 35.81 -15.59 4.77
N LYS G 294 36.26 -14.80 3.81
CA LYS G 294 37.19 -15.31 2.82
C LYS G 294 38.44 -15.79 3.56
N ALA G 295 39.02 -14.90 4.37
CA ALA G 295 40.24 -15.20 5.11
C ALA G 295 40.15 -16.46 5.96
N SER G 296 38.93 -16.87 6.29
CA SER G 296 38.72 -18.05 7.13
C SER G 296 38.78 -19.31 6.30
N GLY G 297 38.56 -19.18 4.99
CA GLY G 297 38.71 -20.31 4.10
C GLY G 297 37.60 -21.35 4.14
N LEU G 298 36.54 -21.04 4.87
CA LEU G 298 35.40 -21.93 4.93
C LEU G 298 34.79 -22.06 3.55
N SER G 299 34.05 -23.14 3.32
CA SER G 299 33.34 -23.38 2.06
C SER G 299 31.88 -23.62 2.33
N PHE G 300 31.01 -23.15 1.44
CA PHE G 300 29.57 -23.31 1.63
C PHE G 300 28.87 -23.70 0.35
N GLU G 301 27.65 -24.22 0.50
CA GLU G 301 26.79 -24.51 -0.63
C GLU G 301 26.01 -23.25 -0.97
N GLY G 302 25.92 -22.95 -2.27
CA GLY G 302 25.24 -21.76 -2.73
C GLY G 302 26.08 -20.56 -2.39
N ASP G 303 25.42 -19.42 -2.18
CA ASP G 303 26.12 -18.20 -1.80
C ASP G 303 26.59 -18.25 -0.35
N PRO G 304 27.74 -17.62 -0.07
CA PRO G 304 28.33 -17.57 1.26
C PRO G 304 27.53 -16.71 2.23
N PRO G 305 27.67 -16.98 3.54
CA PRO G 305 26.89 -16.26 4.55
C PRO G 305 27.44 -14.86 4.63
N THR G 306 26.61 -13.89 4.98
CA THR G 306 27.06 -12.51 5.11
C THR G 306 26.75 -12.04 6.51
N PHE G 307 27.13 -10.82 6.83
CA PHE G 307 26.90 -10.28 8.17
C PHE G 307 25.43 -10.36 8.62
N HIS G 308 24.50 -10.19 7.69
CA HIS G 308 23.10 -10.28 8.06
C HIS G 308 22.78 -11.69 8.54
N GLU G 309 23.62 -12.67 8.21
CA GLU G 309 23.38 -14.03 8.66
C GLU G 309 23.67 -14.23 10.13
N LEU G 310 24.37 -13.28 10.73
CA LEU G 310 24.61 -13.32 12.17
C LEU G 310 23.29 -13.19 12.94
N ARG G 311 22.32 -12.53 12.36
CA ARG G 311 21.03 -12.33 13.00
C ARG G 311 20.22 -13.61 13.00
N SER G 312 20.40 -14.45 12.00
CA SER G 312 19.68 -15.72 11.90
C SER G 312 20.30 -16.70 12.86
N LEU G 313 21.63 -16.64 12.95
CA LEU G 313 22.35 -17.47 13.89
C LEU G 313 21.83 -17.07 15.26
N SER G 314 21.81 -15.78 15.50
CA SER G 314 21.29 -15.26 16.74
C SER G 314 19.92 -15.86 17.04
N ALA G 315 19.00 -15.65 16.13
CA ALA G 315 17.66 -16.14 16.32
C ALA G 315 17.70 -17.62 16.66
N ARG G 316 18.43 -18.40 15.87
CA ARG G 316 18.42 -19.85 16.00
C ARG G 316 18.96 -20.32 17.35
N LEU G 317 20.03 -19.68 17.80
CA LEU G 317 20.63 -20.04 19.07
C LEU G 317 19.70 -19.69 20.19
N TYR G 318 19.26 -18.43 20.23
CA TYR G 318 18.28 -18.01 21.24
C TYR G 318 17.02 -18.89 21.25
N GLU G 319 16.50 -19.22 20.07
CA GLU G 319 15.34 -20.10 19.96
C GLU G 319 15.53 -21.32 20.86
N LYS G 320 16.72 -21.93 20.79
CA LYS G 320 17.01 -23.09 21.60
C LYS G 320 17.30 -22.71 23.03
N GLN G 321 18.30 -21.89 23.26
CA GLN G 321 18.71 -21.53 24.61
C GLN G 321 17.57 -20.98 25.45
N ILE G 322 16.84 -20.02 24.90
CA ILE G 322 15.71 -19.46 25.62
C ILE G 322 14.37 -20.00 25.10
N SER G 323 13.80 -19.32 24.11
CA SER G 323 12.52 -19.72 23.58
C SER G 323 12.25 -19.16 22.20
N ASP G 324 11.46 -19.91 21.44
CA ASP G 324 10.96 -19.44 20.18
C ASP G 324 10.38 -18.07 20.46
N LYS G 325 9.46 -18.01 21.42
CA LYS G 325 8.83 -16.75 21.80
C LYS G 325 9.87 -15.65 21.97
N PHE G 326 10.93 -15.95 22.70
CA PHE G 326 11.96 -14.94 22.88
C PHE G 326 12.51 -14.47 21.54
N ALA G 327 13.03 -15.41 20.76
CA ALA G 327 13.68 -15.08 19.51
C ALA G 327 12.88 -14.04 18.75
N GLN G 328 11.58 -14.29 18.65
CA GLN G 328 10.68 -13.40 17.94
C GLN G 328 10.82 -12.01 18.52
N HIS G 329 10.56 -11.87 19.80
CA HIS G 329 10.63 -10.55 20.42
C HIS G 329 11.98 -9.87 20.20
N LEU G 330 13.05 -10.63 20.30
CA LEU G 330 14.34 -10.00 20.14
C LEU G 330 14.40 -9.38 18.76
N LEU G 331 14.00 -10.14 17.75
CA LEU G 331 14.20 -9.72 16.37
C LEU G 331 13.38 -8.52 16.01
N GLY G 332 12.17 -8.46 16.57
CA GLY G 332 11.23 -7.37 16.33
C GLY G 332 10.24 -7.71 15.22
N HIS G 333 9.46 -8.75 15.47
CA HIS G 333 8.50 -9.28 14.53
C HIS G 333 7.11 -9.22 15.11
N LYS G 334 6.19 -8.50 14.47
CA LYS G 334 4.84 -8.21 15.04
C LYS G 334 3.84 -9.37 15.27
N SER G 335 3.43 -10.09 14.21
CA SER G 335 2.47 -11.18 14.37
C SER G 335 3.16 -12.47 14.85
N ASP G 336 2.80 -13.61 14.22
CA ASP G 336 3.42 -14.92 14.47
C ASP G 336 3.98 -15.55 13.18
N THR G 337 4.01 -14.73 12.11
CA THR G 337 4.39 -15.13 10.73
C THR G 337 5.86 -14.88 10.28
N MET G 338 6.41 -13.65 10.40
CA MET G 338 7.74 -13.26 9.85
C MET G 338 8.93 -13.90 10.52
N ALA G 339 8.55 -14.45 11.64
CA ALA G 339 9.39 -15.16 12.56
C ALA G 339 9.71 -16.49 11.99
N SER G 340 8.65 -17.20 11.65
CA SER G 340 8.77 -18.54 11.10
C SER G 340 9.72 -18.54 9.90
N GLN G 341 10.28 -17.36 9.58
CA GLN G 341 11.29 -17.27 8.56
C GLN G 341 12.69 -17.23 9.13
N PTR G 342 12.94 -16.36 10.12
CA PTR G 342 14.30 -16.25 10.68
C PTR G 342 14.61 -17.52 11.44
O PTR G 342 15.77 -17.89 11.55
CB PTR G 342 14.52 -15.00 11.56
CG PTR G 342 14.84 -13.74 10.77
CD1 PTR G 342 13.86 -13.09 10.01
CD2 PTR G 342 16.12 -13.16 10.80
CE1 PTR G 342 14.16 -11.95 9.27
CE2 PTR G 342 16.41 -12.01 10.06
CZ PTR G 342 15.43 -11.41 9.31
OH PTR G 342 15.69 -10.37 8.59
P PTR G 342 14.93 -8.94 8.49
O1P PTR G 342 15.83 -7.82 8.80
O2P PTR G 342 13.71 -8.96 9.37
N ARG G 343 13.57 -18.18 11.93
CA ARG G 343 13.66 -19.44 12.68
C ARG G 343 14.12 -20.57 11.77
N ASP G 344 13.83 -20.45 10.48
CA ASP G 344 14.17 -21.46 9.48
C ASP G 344 15.68 -21.50 9.24
N ASP G 345 16.24 -22.69 9.05
CA ASP G 345 17.67 -22.82 8.83
C ASP G 345 18.00 -23.18 7.38
N ARG G 346 16.97 -23.24 6.54
CA ARG G 346 17.19 -23.50 5.14
C ARG G 346 18.20 -24.62 4.88
N GLY G 347 17.94 -25.79 5.42
CA GLY G 347 18.73 -26.95 5.03
C GLY G 347 20.11 -27.07 5.68
N ARG G 348 20.36 -26.37 6.77
CA ARG G 348 21.61 -26.64 7.47
C ARG G 348 21.49 -27.59 8.66
N GLU G 349 20.28 -27.94 9.12
CA GLU G 349 20.28 -28.80 10.32
C GLU G 349 19.41 -30.05 10.30
N TRP G 350 19.94 -31.04 11.00
CA TRP G 350 19.34 -32.36 11.10
C TRP G 350 18.36 -32.39 12.28
N ASP G 351 17.12 -32.76 12.00
CA ASP G 351 16.09 -32.76 13.03
C ASP G 351 16.22 -33.99 13.91
N LYS G 352 16.82 -33.82 15.08
CA LYS G 352 17.01 -34.92 16.00
C LYS G 352 15.67 -35.34 16.55
N ILE G 353 15.26 -36.55 16.24
CA ILE G 353 13.97 -37.04 16.69
C ILE G 353 14.02 -37.54 18.11
N GLU G 354 13.21 -36.91 18.96
CA GLU G 354 13.09 -37.26 20.36
C GLU G 354 11.91 -38.22 20.54
N ILE G 355 12.03 -39.10 21.52
CA ILE G 355 10.94 -40.01 21.81
C ILE G 355 10.01 -39.34 22.82
N LYS G 356 9.26 -38.36 22.36
CA LYS G 356 8.33 -37.61 23.20
C LYS G 356 6.88 -37.80 22.76
#